data_3T1E
#
_entry.id   3T1E
#
_cell.length_a   138.292
_cell.length_b   138.292
_cell.length_c   167.338
_cell.angle_alpha   90.00
_cell.angle_beta   90.00
_cell.angle_gamma   90.00
#
_symmetry.space_group_name_H-M   'P 43 21 2'
#
_entity_poly.entity_id   1
_entity_poly.type   'polypeptide(L)'
_entity_poly.pdbx_seq_one_letter_code
;AMAHHHHHHLVPRGSEASTPGDLVSIPTAISRAEGKITSALGSNQDVVDRIYKQVALESPLALLNTESIIMNAITSLSYQ
INGAANNSGCGAPVHDPDYIGGIGKELIVDDTSDVTSFYPSAFQEHLNFIPAPTTGSGCTRIPSFDMSATHCYTHNVIFS
GCRDHSHSHQYLALGVLRTSATGRVFFSTLRSINLDDTQNRKSCSVSATPLGCDMLCSKVTETEEEDYNSVIPTSMVHGR
LGFDGQYHEKDLDVTTLFGDWVANYPGVGGGSFIDNRVWFPVYGGLKPSSPSDTAQEGRYVIYKRYNDTCPDEQDYQIRM
AKSSYKPGRFGGKRVQQAILSIKVSTSLGEDPVLTIPPNTVTLMGAEGRVLTVGTSHFLYQRGSSYFSPALLYPMTVNNN
TATLHSPYTFNAFTRPGSVPCQASARCPNSCVTGVYTDPYPLVFHRNHTLRGVFGTMLDDEQARLNLVSAVFDNISRSRI
TRVSSSRTKAAYTTSTCFKVVKTNKTYCLSIAEISNTLFGEFRIVPLLVEILKDDGV
;
_entity_poly.pdbx_strand_id   A,B,E,F
#
# COMPACT_ATOMS: atom_id res chain seq x y z
N CYS A 90 6.64 16.18 4.95
CA CYS A 90 6.59 16.57 6.36
C CYS A 90 6.49 15.37 7.29
N GLY A 91 6.77 15.60 8.58
CA GLY A 91 6.72 14.55 9.58
C GLY A 91 8.10 14.11 10.03
N ALA A 92 8.19 13.63 11.27
CA ALA A 92 9.47 13.32 11.91
C ALA A 92 9.85 11.84 11.78
N PRO A 93 11.04 11.57 11.23
CA PRO A 93 11.52 10.21 10.96
C PRO A 93 11.95 9.49 12.23
N VAL A 94 11.03 9.39 13.19
CA VAL A 94 11.26 8.61 14.40
C VAL A 94 9.99 7.88 14.83
N HIS A 95 10.12 6.60 15.13
CA HIS A 95 8.98 5.80 15.59
C HIS A 95 8.30 6.47 16.77
N ASP A 96 6.96 6.44 16.77
CA ASP A 96 6.21 6.96 17.90
C ASP A 96 6.80 6.36 19.16
N PRO A 97 6.83 7.15 20.24
CA PRO A 97 7.43 6.70 21.51
C PRO A 97 6.83 5.40 22.00
N ASP A 98 5.60 5.09 21.58
CA ASP A 98 4.97 3.83 21.95
C ASP A 98 5.89 2.66 21.66
N TYR A 99 6.75 2.84 20.67
CA TYR A 99 7.67 1.78 20.26
C TYR A 99 9.04 1.86 20.95
N ILE A 100 9.31 2.94 21.65
CA ILE A 100 10.63 3.12 22.23
C ILE A 100 10.95 1.95 23.15
N GLY A 101 12.05 1.26 22.87
CA GLY A 101 12.41 0.05 23.59
C GLY A 101 11.83 -1.21 22.97
N GLY A 102 11.01 -1.04 21.95
CA GLY A 102 10.36 -2.18 21.32
C GLY A 102 10.90 -2.64 19.97
N ILE A 103 11.75 -1.83 19.35
CA ILE A 103 12.19 -2.13 18.00
C ILE A 103 13.66 -2.58 17.91
N GLY A 104 13.85 -3.81 17.44
CA GLY A 104 15.18 -4.32 17.15
C GLY A 104 15.88 -5.09 18.25
N LYS A 105 15.11 -5.64 19.18
CA LYS A 105 15.74 -6.37 20.29
C LYS A 105 15.30 -7.83 20.37
N GLU A 106 15.87 -8.58 21.32
CA GLU A 106 15.42 -9.95 21.56
C GLU A 106 14.05 -9.82 22.20
N LEU A 107 13.04 -10.38 21.55
CA LEU A 107 11.66 -10.09 21.90
C LEU A 107 11.15 -10.92 23.08
N ILE A 108 11.03 -12.22 22.87
CA ILE A 108 10.61 -13.12 23.93
C ILE A 108 11.81 -13.94 24.41
N VAL A 109 12.15 -13.85 25.70
CA VAL A 109 13.23 -14.69 26.24
C VAL A 109 12.76 -15.59 27.40
N ASP A 110 12.70 -16.89 27.15
CA ASP A 110 12.42 -17.87 28.19
C ASP A 110 13.14 -19.18 27.91
N ASP A 111 13.77 -19.75 28.94
CA ASP A 111 14.37 -21.08 28.80
C ASP A 111 13.38 -22.22 28.97
N THR A 112 12.50 -22.08 29.96
CA THR A 112 11.60 -23.17 30.33
C THR A 112 10.43 -23.36 29.38
N SER A 113 9.90 -22.27 28.85
CA SER A 113 8.70 -22.33 28.01
C SER A 113 8.97 -22.99 26.67
N ASP A 114 7.91 -23.53 26.06
CA ASP A 114 8.01 -24.28 24.82
C ASP A 114 7.78 -23.33 23.65
N VAL A 115 8.84 -23.12 22.87
CA VAL A 115 8.82 -22.10 21.81
C VAL A 115 7.59 -22.16 20.92
N THR A 116 7.24 -23.36 20.46
CA THR A 116 6.17 -23.51 19.48
C THR A 116 4.78 -23.23 20.06
N SER A 117 4.71 -23.01 21.37
CA SER A 117 3.45 -22.65 22.02
C SER A 117 3.14 -21.16 21.83
N PHE A 118 4.16 -20.40 21.46
CA PHE A 118 3.94 -19.05 20.94
C PHE A 118 3.46 -19.21 19.50
N TYR A 119 2.69 -18.25 19.00
CA TYR A 119 2.05 -18.44 17.70
C TYR A 119 1.32 -17.19 17.24
N PRO A 120 1.18 -17.04 15.90
CA PRO A 120 0.60 -15.85 15.29
C PRO A 120 -0.90 -15.78 15.48
N SER A 121 -1.41 -14.57 15.62
CA SER A 121 -2.84 -14.32 15.61
C SER A 121 -3.30 -14.51 14.18
N ALA A 122 -4.60 -14.30 13.92
CA ALA A 122 -5.04 -14.29 12.55
C ALA A 122 -4.49 -12.99 12.01
N PHE A 123 -4.68 -12.72 10.72
CA PHE A 123 -4.09 -11.54 10.12
C PHE A 123 -4.83 -10.26 10.48
N GLN A 124 -4.08 -9.31 11.02
CA GLN A 124 -4.60 -8.02 11.48
C GLN A 124 -4.82 -7.03 10.34
N GLU A 125 -5.71 -6.09 10.55
CA GLU A 125 -5.91 -5.01 9.58
C GLU A 125 -5.30 -3.70 10.05
N HIS A 126 -4.23 -3.30 9.36
CA HIS A 126 -3.63 -2.00 9.60
C HIS A 126 -3.67 -1.16 8.32
N LEU A 127 -3.16 0.06 8.40
CA LEU A 127 -3.09 0.92 7.23
C LEU A 127 -1.89 0.53 6.40
N ASN A 128 -2.09 0.40 5.10
CA ASN A 128 -1.12 -0.22 4.21
C ASN A 128 -0.14 0.76 3.57
N PHE A 129 1.14 0.42 3.61
CA PHE A 129 2.17 1.28 3.02
C PHE A 129 2.60 0.85 1.60
N ILE A 130 3.13 -0.35 1.45
CA ILE A 130 3.65 -0.77 0.15
C ILE A 130 2.57 -0.60 -0.91
N PRO A 131 2.80 0.30 -1.87
CA PRO A 131 1.79 0.72 -2.86
C PRO A 131 1.60 -0.29 -3.99
N ALA A 132 0.38 -0.37 -4.52
CA ALA A 132 0.14 -1.31 -5.62
C ALA A 132 0.22 -0.57 -6.96
N PRO A 133 0.16 -1.31 -8.07
CA PRO A 133 0.36 -0.71 -9.39
C PRO A 133 -0.81 0.14 -9.84
N THR A 134 -0.57 1.00 -10.84
CA THR A 134 -1.63 1.85 -11.38
C THR A 134 -2.27 1.26 -12.64
N THR A 135 -1.73 0.15 -13.12
CA THR A 135 -2.23 -0.43 -14.35
C THR A 135 -2.25 -1.96 -14.31
N GLY A 136 -2.77 -2.57 -15.38
CA GLY A 136 -2.81 -4.01 -15.51
C GLY A 136 -1.58 -4.50 -16.24
N SER A 137 -0.57 -3.63 -16.31
CA SER A 137 0.71 -3.98 -16.90
C SER A 137 1.77 -3.93 -15.81
N GLY A 138 1.99 -2.74 -15.27
CA GLY A 138 2.95 -2.56 -14.19
C GLY A 138 2.68 -3.54 -13.06
N CYS A 139 3.76 -4.12 -12.55
CA CYS A 139 3.66 -5.05 -11.44
C CYS A 139 4.81 -4.85 -10.44
N THR A 140 4.45 -4.74 -9.17
CA THR A 140 5.43 -4.59 -8.11
C THR A 140 6.01 -5.95 -7.75
N ARG A 141 7.29 -6.01 -7.39
CA ARG A 141 7.91 -7.28 -7.02
C ARG A 141 9.24 -7.12 -6.29
N ILE A 142 9.81 -8.26 -5.92
CA ILE A 142 11.12 -8.32 -5.27
C ILE A 142 11.30 -7.27 -4.16
N PRO A 143 10.56 -7.44 -3.05
CA PRO A 143 10.58 -6.52 -1.90
C PRO A 143 11.78 -6.70 -0.96
N SER A 144 12.16 -5.60 -0.31
CA SER A 144 13.23 -5.63 0.67
C SER A 144 12.92 -4.68 1.82
N PHE A 145 13.19 -5.13 3.05
CA PHE A 145 12.80 -4.37 4.24
C PHE A 145 13.86 -4.45 5.34
N ASP A 146 14.09 -3.34 6.05
CA ASP A 146 14.96 -3.28 7.23
C ASP A 146 14.54 -2.13 8.15
N MET A 147 14.72 -2.27 9.46
CA MET A 147 14.21 -1.28 10.42
C MET A 147 15.13 -1.04 11.63
N SER A 148 15.41 0.23 11.97
CA SER A 148 16.04 0.52 13.27
C SER A 148 15.32 1.56 14.15
N ALA A 149 15.63 2.85 13.88
CA ALA A 149 14.82 3.98 14.34
C ALA A 149 14.03 4.54 13.17
N THR A 150 14.31 3.97 12.00
CA THR A 150 13.68 4.36 10.75
C THR A 150 13.35 3.06 10.04
N HIS A 151 12.24 3.01 9.32
CA HIS A 151 11.90 1.80 8.58
C HIS A 151 12.11 1.99 7.07
N CYS A 152 12.92 1.11 6.47
CA CYS A 152 13.26 1.21 5.05
C CYS A 152 12.64 0.10 4.23
N TYR A 153 11.94 0.47 3.16
CA TYR A 153 11.32 -0.50 2.28
C TYR A 153 11.56 -0.15 0.81
N THR A 154 11.81 -1.16 0.00
CA THR A 154 12.01 -0.98 -1.42
C THR A 154 11.41 -2.16 -2.17
N HIS A 155 10.82 -1.88 -3.33
CA HIS A 155 10.35 -2.95 -4.20
C HIS A 155 10.46 -2.53 -5.67
N ASN A 156 10.69 -3.52 -6.53
CA ASN A 156 10.90 -3.29 -7.95
C ASN A 156 9.58 -3.23 -8.70
N VAL A 157 9.48 -2.31 -9.67
CA VAL A 157 8.30 -2.22 -10.52
C VAL A 157 8.62 -2.56 -11.96
N ILE A 158 8.15 -3.72 -12.42
CA ILE A 158 8.41 -4.18 -13.78
C ILE A 158 7.20 -3.88 -14.67
N PHE A 159 7.29 -4.23 -15.94
CA PHE A 159 6.23 -3.89 -16.88
C PHE A 159 5.92 -5.00 -17.87
N SER A 160 5.03 -4.69 -18.82
CA SER A 160 4.61 -5.67 -19.79
C SER A 160 4.36 -7.00 -19.09
N GLY A 161 3.41 -7.00 -18.16
CA GLY A 161 3.07 -8.20 -17.41
C GLY A 161 4.25 -8.88 -16.73
N CYS A 162 5.05 -8.11 -16.02
CA CYS A 162 6.20 -8.65 -15.30
C CYS A 162 7.16 -9.39 -16.24
N ARG A 163 7.34 -8.85 -17.43
CA ARG A 163 8.32 -9.35 -18.38
C ARG A 163 9.25 -8.23 -18.75
N ASP A 164 10.21 -8.50 -19.60
CA ASP A 164 11.12 -7.47 -20.07
C ASP A 164 11.79 -6.75 -18.91
N HIS A 165 12.73 -7.46 -18.33
CA HIS A 165 13.68 -7.00 -17.34
C HIS A 165 14.32 -5.70 -17.79
N SER A 166 14.40 -5.58 -19.10
CA SER A 166 15.17 -4.57 -19.80
C SER A 166 14.83 -3.18 -19.29
N HIS A 167 13.68 -3.08 -18.64
CA HIS A 167 13.21 -1.82 -18.07
C HIS A 167 12.54 -2.13 -16.75
N SER A 168 12.65 -1.18 -15.82
CA SER A 168 11.89 -1.23 -14.59
C SER A 168 12.17 0.05 -13.82
N HIS A 169 11.31 0.33 -12.84
CA HIS A 169 11.55 1.40 -11.89
C HIS A 169 11.90 0.75 -10.58
N GLN A 170 12.26 1.56 -9.59
CA GLN A 170 12.57 1.06 -8.26
C GLN A 170 12.06 2.05 -7.23
N TYR A 171 11.33 1.55 -6.24
CA TYR A 171 10.68 2.37 -5.24
C TYR A 171 11.36 2.19 -3.88
N LEU A 172 11.94 3.26 -3.35
CA LEU A 172 12.51 3.23 -2.01
C LEU A 172 11.75 4.16 -1.08
N ALA A 173 11.25 3.62 0.03
CA ALA A 173 10.47 4.42 0.98
C ALA A 173 11.15 4.46 2.35
N LEU A 174 11.09 5.62 2.98
CA LEU A 174 11.60 5.79 4.33
C LEU A 174 10.42 6.05 5.27
N GLY A 175 10.37 5.34 6.39
CA GLY A 175 9.18 5.38 7.22
C GLY A 175 9.31 5.08 8.70
N VAL A 176 8.19 5.21 9.39
CA VAL A 176 8.16 5.16 10.84
C VAL A 176 7.02 4.25 11.32
N LEU A 177 7.21 3.59 12.46
CA LEU A 177 6.14 2.82 13.07
C LEU A 177 5.32 3.72 14.00
N ARG A 178 4.00 3.76 13.78
CA ARG A 178 3.13 4.63 14.57
C ARG A 178 2.00 3.86 15.24
N THR A 179 1.39 4.50 16.23
CA THR A 179 0.13 4.02 16.79
C THR A 179 -0.92 5.08 16.58
N SER A 180 -2.14 4.65 16.27
CA SER A 180 -3.22 5.58 15.96
C SER A 180 -3.79 6.22 17.23
N ALA A 181 -4.85 6.99 17.06
CA ALA A 181 -5.56 7.59 18.19
C ALA A 181 -6.18 6.50 19.05
N THR A 182 -6.64 5.43 18.40
CA THR A 182 -7.27 4.33 19.10
C THR A 182 -6.25 3.27 19.48
N GLY A 183 -4.98 3.55 19.21
CA GLY A 183 -3.91 2.66 19.60
C GLY A 183 -3.53 1.62 18.57
N ARG A 184 -4.13 1.71 17.38
CA ARG A 184 -3.85 0.76 16.32
C ARG A 184 -2.46 0.92 15.75
N VAL A 185 -1.77 -0.20 15.54
CA VAL A 185 -0.48 -0.17 14.86
C VAL A 185 -0.63 0.04 13.37
N PHE A 186 0.20 0.91 12.80
CA PHE A 186 0.29 1.05 11.36
C PHE A 186 1.66 1.56 10.95
N PHE A 187 2.11 1.11 9.78
CA PHE A 187 3.34 1.62 9.22
C PHE A 187 3.01 2.80 8.33
N SER A 188 3.46 3.98 8.71
CA SER A 188 3.35 5.12 7.81
C SER A 188 4.74 5.51 7.32
N THR A 189 4.89 5.60 6.00
CA THR A 189 6.18 5.92 5.40
C THR A 189 6.25 7.41 5.12
N LEU A 190 7.18 8.07 5.80
CA LEU A 190 7.25 9.52 5.81
C LEU A 190 7.98 10.12 4.59
N ARG A 191 8.83 9.32 3.95
CA ARG A 191 9.54 9.78 2.75
C ARG A 191 9.74 8.69 1.70
N SER A 192 9.47 9.03 0.44
CA SER A 192 9.56 8.07 -0.66
C SER A 192 10.17 8.69 -1.92
N ILE A 193 10.92 7.89 -2.66
CA ILE A 193 11.35 8.27 -4.00
C ILE A 193 11.27 7.09 -4.96
N ASN A 194 10.75 7.35 -6.17
CA ASN A 194 10.61 6.33 -7.19
C ASN A 194 11.67 6.59 -8.25
N LEU A 195 12.39 5.56 -8.68
CA LEU A 195 13.45 5.79 -9.67
C LEU A 195 12.97 5.39 -11.08
N ASP A 196 12.64 6.40 -11.90
CA ASP A 196 12.12 6.17 -13.27
C ASP A 196 13.13 6.31 -14.42
N ASP A 197 14.38 6.63 -14.09
CA ASP A 197 15.40 6.78 -15.12
C ASP A 197 15.64 5.44 -15.84
N THR A 198 16.17 5.52 -17.05
CA THR A 198 16.34 4.37 -17.95
C THR A 198 17.00 3.18 -17.29
N GLN A 199 18.04 3.48 -16.51
CA GLN A 199 18.86 2.47 -15.84
C GLN A 199 18.05 1.46 -15.03
N ASN A 200 18.38 0.18 -15.18
CA ASN A 200 17.69 -0.85 -14.42
C ASN A 200 18.50 -1.41 -13.28
N ARG A 201 18.08 -1.07 -12.06
CA ARG A 201 18.54 -1.75 -10.88
C ARG A 201 17.59 -2.93 -10.74
N LYS A 202 18.14 -4.13 -10.55
CA LYS A 202 17.31 -5.33 -10.59
C LYS A 202 17.13 -5.97 -9.20
N SER A 203 18.14 -6.67 -8.70
CA SER A 203 18.05 -7.23 -7.36
C SER A 203 18.56 -6.18 -6.41
N CYS A 204 17.80 -5.85 -5.38
CA CYS A 204 18.14 -4.71 -4.56
C CYS A 204 17.76 -4.96 -3.13
N SER A 205 18.55 -4.43 -2.20
CA SER A 205 18.23 -4.59 -0.80
C SER A 205 18.50 -3.31 -0.02
N VAL A 206 17.63 -3.04 0.96
CA VAL A 206 17.70 -1.82 1.73
C VAL A 206 18.19 -2.10 3.15
N SER A 207 18.89 -1.13 3.74
CA SER A 207 19.26 -1.20 5.15
C SER A 207 18.97 0.13 5.83
N ALA A 208 18.69 0.07 7.13
CA ALA A 208 18.40 1.27 7.90
C ALA A 208 19.67 1.79 8.55
N THR A 209 20.14 2.94 8.09
CA THR A 209 21.34 3.54 8.64
C THR A 209 21.04 4.91 9.22
N PRO A 210 21.87 5.37 10.16
CA PRO A 210 21.63 6.66 10.82
C PRO A 210 21.40 7.79 9.83
N LEU A 211 21.99 7.69 8.64
CA LEU A 211 21.92 8.79 7.68
C LEU A 211 20.73 8.69 6.71
N GLY A 212 19.95 7.61 6.81
CA GLY A 212 18.81 7.42 5.92
C GLY A 212 18.47 5.96 5.67
N CYS A 213 17.90 5.70 4.49
CA CYS A 213 17.79 4.36 3.96
C CYS A 213 18.88 4.10 2.92
N ASP A 214 19.84 3.22 3.24
CA ASP A 214 20.84 2.79 2.27
C ASP A 214 20.30 1.67 1.39
N MET A 215 20.68 1.68 0.12
CA MET A 215 20.27 0.64 -0.79
C MET A 215 21.44 0.14 -1.63
N LEU A 216 21.49 -1.16 -1.84
CA LEU A 216 22.48 -1.75 -2.73
C LEU A 216 21.78 -2.47 -3.87
N CYS A 217 21.87 -1.89 -5.06
CA CYS A 217 21.26 -2.48 -6.23
C CYS A 217 22.33 -2.92 -7.22
N SER A 218 21.88 -3.54 -8.31
CA SER A 218 22.78 -4.04 -9.32
C SER A 218 22.20 -3.70 -10.68
N LYS A 219 22.95 -3.01 -11.52
CA LYS A 219 22.43 -2.58 -12.81
C LYS A 219 22.73 -3.62 -13.86
N VAL A 220 21.69 -4.31 -14.31
CA VAL A 220 21.84 -5.42 -15.25
C VAL A 220 20.79 -5.39 -16.33
N THR A 221 21.22 -5.30 -17.59
CA THR A 221 20.31 -5.27 -18.72
C THR A 221 20.07 -6.66 -19.31
N GLU A 222 20.83 -7.65 -18.85
CA GLU A 222 20.81 -8.97 -19.45
C GLU A 222 20.28 -10.04 -18.49
N THR A 223 20.16 -11.26 -19.01
CA THR A 223 19.60 -12.38 -18.24
C THR A 223 20.63 -13.09 -17.36
N GLU A 224 20.17 -13.60 -16.23
CA GLU A 224 21.03 -14.32 -15.29
C GLU A 224 21.84 -15.41 -15.99
N GLU A 225 21.19 -16.19 -16.84
CA GLU A 225 21.88 -17.23 -17.59
C GLU A 225 22.99 -16.60 -18.43
N GLU A 226 22.64 -15.54 -19.17
CA GLU A 226 23.61 -14.78 -19.95
C GLU A 226 24.72 -14.30 -19.03
N ASP A 227 24.34 -13.58 -17.98
CA ASP A 227 25.30 -12.92 -17.10
C ASP A 227 26.40 -13.88 -16.62
N TYR A 228 26.05 -15.15 -16.43
CA TYR A 228 27.02 -16.13 -15.98
C TYR A 228 27.99 -16.52 -17.09
N ASN A 229 27.65 -16.14 -18.32
CA ASN A 229 28.51 -16.34 -19.47
C ASN A 229 29.35 -15.09 -19.76
N SER A 230 29.25 -14.10 -18.88
CA SER A 230 29.89 -12.81 -19.09
C SER A 230 31.40 -12.84 -18.88
N VAL A 231 32.09 -11.94 -19.56
CA VAL A 231 33.54 -11.77 -19.43
C VAL A 231 33.86 -10.63 -18.47
N ILE A 232 32.81 -10.05 -17.87
CA ILE A 232 32.95 -8.93 -16.96
C ILE A 232 32.01 -9.06 -15.76
N PRO A 233 32.34 -8.41 -14.63
CA PRO A 233 31.46 -8.34 -13.47
C PRO A 233 30.17 -7.58 -13.74
N THR A 234 29.35 -7.45 -12.70
CA THR A 234 28.03 -6.84 -12.81
C THR A 234 28.02 -5.47 -12.15
N SER A 235 27.63 -4.46 -12.91
CA SER A 235 27.60 -3.09 -12.40
C SER A 235 26.81 -3.07 -11.11
N MET A 236 27.27 -2.32 -10.11
CA MET A 236 26.59 -2.26 -8.82
C MET A 236 26.53 -0.86 -8.24
N VAL A 237 25.35 -0.45 -7.79
CA VAL A 237 25.17 0.89 -7.25
C VAL A 237 24.95 0.85 -5.74
N HIS A 238 25.52 1.81 -5.04
CA HIS A 238 25.18 2.04 -3.65
C HIS A 238 24.47 3.38 -3.56
N GLY A 239 23.16 3.34 -3.39
CA GLY A 239 22.37 4.56 -3.25
C GLY A 239 21.88 4.74 -1.84
N ARG A 240 21.36 5.93 -1.55
CA ARG A 240 20.69 6.18 -0.27
C ARG A 240 19.62 7.25 -0.37
N LEU A 241 18.54 7.07 0.37
CA LEU A 241 17.54 8.10 0.56
C LEU A 241 17.71 8.72 1.94
N GLY A 242 17.74 10.04 2.01
CA GLY A 242 17.92 10.73 3.28
C GLY A 242 16.62 11.19 3.88
N PHE A 243 16.71 11.81 5.05
CA PHE A 243 15.54 12.34 5.72
C PHE A 243 15.16 13.68 5.10
N ASP A 244 16.06 14.19 4.26
CA ASP A 244 15.80 15.41 3.51
C ASP A 244 15.05 15.04 2.25
N GLY A 245 14.76 13.75 2.11
CA GLY A 245 13.93 13.24 1.03
C GLY A 245 14.60 13.25 -0.32
N GLN A 246 15.92 13.43 -0.32
CA GLN A 246 16.69 13.47 -1.57
C GLN A 246 17.51 12.21 -1.77
N TYR A 247 17.68 11.80 -3.02
CA TYR A 247 18.39 10.56 -3.34
C TYR A 247 19.76 10.80 -3.97
N HIS A 248 20.70 9.92 -3.63
CA HIS A 248 22.05 9.97 -4.18
C HIS A 248 22.55 8.54 -4.37
N GLU A 249 23.65 8.38 -5.09
CA GLU A 249 24.22 7.07 -5.30
C GLU A 249 25.53 7.19 -6.07
N LYS A 250 26.32 6.12 -6.02
CA LYS A 250 27.56 6.04 -6.81
C LYS A 250 27.77 4.61 -7.23
N ASP A 251 28.24 4.41 -8.46
CA ASP A 251 28.49 3.07 -8.95
C ASP A 251 29.80 2.55 -8.40
N LEU A 252 29.72 1.45 -7.67
CA LEU A 252 30.92 0.79 -7.16
C LEU A 252 31.79 0.38 -8.33
N ASP A 253 33.10 0.38 -8.13
CA ASP A 253 34.01 0.05 -9.22
C ASP A 253 34.21 -1.46 -9.13
N VAL A 254 33.58 -2.17 -10.08
CA VAL A 254 33.37 -3.61 -9.94
C VAL A 254 34.48 -4.42 -10.60
N THR A 255 35.34 -3.74 -11.35
CA THR A 255 36.39 -4.42 -12.09
C THR A 255 37.50 -4.80 -11.15
N THR A 256 37.52 -4.16 -9.98
CA THR A 256 38.51 -4.45 -8.96
C THR A 256 37.86 -5.22 -7.81
N LEU A 257 36.93 -4.56 -7.14
CA LEU A 257 36.20 -5.17 -6.03
C LEU A 257 35.67 -6.53 -6.42
N PHE A 258 34.92 -6.57 -7.52
CA PHE A 258 34.30 -7.79 -8.03
C PHE A 258 35.03 -8.53 -9.16
N GLY A 259 36.27 -8.11 -9.45
CA GLY A 259 36.97 -8.59 -10.63
C GLY A 259 37.03 -10.10 -10.81
N ASP A 260 36.87 -10.85 -9.73
CA ASP A 260 36.94 -12.31 -9.79
C ASP A 260 35.59 -12.96 -10.09
N TRP A 261 34.56 -12.14 -10.27
CA TRP A 261 33.20 -12.64 -10.46
C TRP A 261 32.71 -12.44 -11.89
N VAL A 262 32.01 -13.46 -12.41
CA VAL A 262 31.33 -13.34 -13.69
C VAL A 262 29.98 -12.62 -13.51
N ALA A 263 29.35 -12.85 -12.36
CA ALA A 263 28.08 -12.18 -12.04
C ALA A 263 27.99 -11.88 -10.55
N ASN A 264 27.52 -10.67 -10.21
CA ASN A 264 27.44 -10.22 -8.83
C ASN A 264 26.07 -9.58 -8.54
N TYR A 265 25.32 -10.16 -7.60
CA TYR A 265 24.02 -9.63 -7.22
C TYR A 265 23.88 -9.45 -5.71
N PRO A 266 23.00 -8.52 -5.29
CA PRO A 266 22.55 -8.42 -3.90
C PRO A 266 21.57 -9.54 -3.56
N GLY A 267 21.31 -9.78 -2.28
CA GLY A 267 20.47 -10.88 -1.86
C GLY A 267 18.98 -10.62 -1.90
N VAL A 268 18.61 -9.40 -2.30
CA VAL A 268 17.21 -8.95 -2.36
C VAL A 268 16.64 -8.81 -0.96
N GLY A 269 17.31 -9.41 0.01
CA GLY A 269 16.90 -9.31 1.40
C GLY A 269 17.58 -8.11 2.00
N GLY A 270 16.99 -7.52 3.04
CA GLY A 270 17.51 -6.27 3.59
C GLY A 270 18.97 -6.35 3.99
N GLY A 271 19.63 -5.19 3.99
CA GLY A 271 20.96 -5.08 4.57
C GLY A 271 20.87 -4.71 6.04
N SER A 272 22.01 -4.54 6.70
CA SER A 272 22.01 -4.20 8.13
C SER A 272 23.16 -3.27 8.49
N PHE A 273 22.93 -2.33 9.40
CA PHE A 273 23.98 -1.41 9.85
C PHE A 273 24.66 -1.94 11.11
N ILE A 274 25.97 -2.14 11.04
CA ILE A 274 26.75 -2.65 12.17
C ILE A 274 28.13 -2.00 12.17
N ASP A 275 28.61 -1.59 13.35
CA ASP A 275 29.96 -1.04 13.49
C ASP A 275 30.26 0.07 12.48
N ASN A 276 29.32 1.00 12.31
CA ASN A 276 29.51 2.13 11.40
C ASN A 276 29.67 1.75 9.91
N ARG A 277 29.03 0.65 9.51
CA ARG A 277 29.02 0.23 8.12
C ARG A 277 27.71 -0.45 7.75
N VAL A 278 27.30 -0.32 6.48
CA VAL A 278 26.18 -1.10 5.98
C VAL A 278 26.71 -2.44 5.53
N TRP A 279 25.98 -3.51 5.85
CA TRP A 279 26.39 -4.86 5.47
C TRP A 279 25.30 -5.53 4.64
N PHE A 280 25.61 -5.83 3.38
CA PHE A 280 24.62 -6.38 2.46
C PHE A 280 24.97 -7.80 2.06
N PRO A 281 23.95 -8.64 1.84
CA PRO A 281 24.15 -9.96 1.25
C PRO A 281 24.49 -9.84 -0.23
N VAL A 282 25.51 -10.56 -0.68
CA VAL A 282 25.83 -10.62 -2.10
C VAL A 282 25.98 -12.08 -2.53
N TYR A 283 25.69 -12.38 -3.78
CA TYR A 283 25.90 -13.73 -4.31
C TYR A 283 26.08 -13.72 -5.83
N GLY A 284 26.70 -14.77 -6.35
CA GLY A 284 26.88 -14.91 -7.78
C GLY A 284 27.91 -15.95 -8.17
N GLY A 285 28.32 -15.92 -9.44
CA GLY A 285 29.34 -16.84 -9.93
C GLY A 285 30.76 -16.30 -9.90
N LEU A 286 31.72 -17.23 -9.86
CA LEU A 286 33.13 -16.88 -9.81
C LEU A 286 33.82 -17.29 -11.09
N LYS A 287 34.76 -16.47 -11.55
CA LYS A 287 35.58 -16.83 -12.69
C LYS A 287 36.39 -18.07 -12.33
N PRO A 288 36.20 -19.16 -13.09
CA PRO A 288 36.89 -20.41 -12.79
C PRO A 288 38.39 -20.19 -12.69
N SER A 289 39.00 -20.76 -11.67
CA SER A 289 40.45 -20.67 -11.49
C SER A 289 40.92 -19.23 -11.28
N SER A 290 40.12 -18.44 -10.57
CA SER A 290 40.57 -17.12 -10.14
C SER A 290 41.21 -17.31 -8.78
N PRO A 291 41.79 -16.24 -8.21
CA PRO A 291 42.28 -16.44 -6.85
C PRO A 291 41.16 -16.84 -5.89
N SER A 292 40.03 -16.14 -5.95
CA SER A 292 38.93 -16.38 -5.02
C SER A 292 38.13 -17.64 -5.36
N ASP A 293 38.32 -18.16 -6.57
CA ASP A 293 37.72 -19.43 -6.96
C ASP A 293 38.53 -20.60 -6.41
N THR A 294 39.84 -20.56 -6.61
CA THR A 294 40.71 -21.67 -6.22
C THR A 294 40.82 -21.75 -4.71
N ALA A 295 40.65 -20.62 -4.04
CA ALA A 295 40.63 -20.60 -2.58
C ALA A 295 39.50 -21.46 -2.07
N GLN A 296 38.46 -21.60 -2.88
CA GLN A 296 37.26 -22.32 -2.47
C GLN A 296 37.19 -23.76 -2.96
N GLU A 297 38.18 -24.21 -3.71
CA GLU A 297 38.14 -25.57 -4.25
C GLU A 297 38.51 -26.60 -3.19
N GLY A 298 38.02 -27.83 -3.38
CA GLY A 298 38.32 -28.91 -2.47
C GLY A 298 37.76 -28.66 -1.07
N ARG A 299 36.62 -27.98 -1.02
CA ARG A 299 35.98 -27.68 0.27
C ARG A 299 34.47 -27.54 0.11
N TYR A 300 33.74 -27.73 1.22
CA TYR A 300 32.29 -27.90 1.16
C TYR A 300 31.72 -28.10 2.56
N VAL A 301 30.39 -28.15 2.65
CA VAL A 301 29.72 -28.44 3.91
C VAL A 301 28.50 -29.33 3.64
N ILE A 302 28.23 -30.26 4.56
CA ILE A 302 27.09 -31.16 4.39
C ILE A 302 26.15 -31.09 5.59
N TYR A 303 24.94 -30.58 5.37
CA TYR A 303 23.98 -30.45 6.46
C TYR A 303 22.84 -31.47 6.34
N LYS A 304 22.55 -32.13 7.46
CA LYS A 304 21.58 -33.22 7.49
C LYS A 304 20.39 -32.83 8.36
N ARG A 305 19.26 -33.49 8.14
CA ARG A 305 18.05 -33.11 8.88
C ARG A 305 17.84 -33.95 10.14
N TYR A 306 16.81 -33.58 10.92
CA TYR A 306 16.65 -34.09 12.28
C TYR A 306 16.47 -35.60 12.49
N ASN A 307 15.28 -36.11 12.14
CA ASN A 307 14.94 -37.51 12.41
C ASN A 307 15.32 -38.32 11.19
N ASP A 308 15.85 -37.61 10.20
CA ASP A 308 16.07 -38.17 8.90
C ASP A 308 17.56 -38.30 8.58
N THR A 309 17.94 -39.44 8.03
CA THR A 309 19.34 -39.69 7.65
C THR A 309 19.43 -40.18 6.21
N CYS A 310 20.49 -39.75 5.52
CA CYS A 310 20.65 -40.06 4.11
C CYS A 310 21.16 -41.48 3.89
N PRO A 311 20.55 -42.19 2.94
CA PRO A 311 20.98 -43.54 2.54
C PRO A 311 22.32 -43.52 1.83
N ASP A 312 22.61 -42.42 1.15
CA ASP A 312 23.75 -42.36 0.25
C ASP A 312 25.08 -42.69 0.92
N GLU A 313 25.93 -43.36 0.16
CA GLU A 313 27.27 -43.72 0.58
C GLU A 313 28.05 -42.45 0.93
N GLN A 314 28.81 -42.51 2.02
CA GLN A 314 29.55 -41.34 2.51
C GLN A 314 30.37 -40.65 1.40
N ASP A 315 31.15 -41.43 0.67
CA ASP A 315 31.95 -40.90 -0.44
C ASP A 315 31.06 -40.26 -1.50
N TYR A 316 30.01 -40.97 -1.86
CA TYR A 316 29.00 -40.49 -2.79
C TYR A 316 28.61 -39.07 -2.45
N GLN A 317 28.06 -38.89 -1.25
CA GLN A 317 27.66 -37.56 -0.76
C GLN A 317 28.80 -36.54 -0.86
N ILE A 318 29.96 -36.87 -0.29
CA ILE A 318 31.11 -35.97 -0.32
C ILE A 318 31.35 -35.47 -1.74
N ARG A 319 31.09 -36.32 -2.72
CA ARG A 319 31.26 -35.96 -4.13
C ARG A 319 30.14 -35.04 -4.57
N MET A 320 28.92 -35.56 -4.54
CA MET A 320 27.74 -34.77 -4.89
C MET A 320 27.60 -33.48 -4.07
N ALA A 321 28.04 -33.51 -2.81
CA ALA A 321 28.01 -32.30 -1.98
C ALA A 321 28.98 -31.27 -2.52
N LYS A 322 30.07 -31.74 -3.10
CA LYS A 322 31.06 -30.84 -3.70
C LYS A 322 30.45 -30.19 -4.94
N SER A 323 29.77 -31.01 -5.73
CA SER A 323 29.17 -30.54 -6.98
C SER A 323 28.01 -29.58 -6.75
N SER A 324 27.56 -29.48 -5.50
CA SER A 324 26.44 -28.62 -5.19
C SER A 324 26.78 -27.16 -5.43
N TYR A 325 28.07 -26.85 -5.42
CA TYR A 325 28.52 -25.46 -5.50
C TYR A 325 28.67 -24.97 -6.93
N LYS A 326 28.61 -25.90 -7.88
CA LYS A 326 28.72 -25.55 -9.28
C LYS A 326 27.53 -26.11 -10.06
N PRO A 327 26.31 -25.65 -9.71
CA PRO A 327 25.08 -26.20 -10.29
C PRO A 327 25.12 -26.16 -11.80
N GLY A 328 24.64 -27.23 -12.43
CA GLY A 328 24.70 -27.38 -13.87
C GLY A 328 24.00 -26.25 -14.61
N ARG A 329 23.13 -25.54 -13.93
CA ARG A 329 22.37 -24.46 -14.55
C ARG A 329 23.30 -23.50 -15.29
N PHE A 330 24.33 -23.04 -14.60
CA PHE A 330 25.20 -22.00 -15.13
C PHE A 330 26.50 -22.49 -15.76
N GLY A 331 26.69 -23.81 -15.79
CA GLY A 331 27.86 -24.39 -16.43
C GLY A 331 28.89 -24.86 -15.43
N GLY A 332 28.66 -24.55 -14.16
CA GLY A 332 29.55 -25.00 -13.10
C GLY A 332 30.59 -24.00 -12.63
N LYS A 333 30.37 -22.71 -12.90
CA LYS A 333 31.14 -21.69 -12.22
C LYS A 333 30.70 -21.78 -10.77
N ARG A 334 31.63 -21.59 -9.83
CA ARG A 334 31.26 -21.67 -8.43
C ARG A 334 30.29 -20.53 -8.09
N VAL A 335 29.13 -20.88 -7.55
CA VAL A 335 28.16 -19.86 -7.14
C VAL A 335 28.25 -19.68 -5.63
N GLN A 336 28.85 -18.56 -5.20
CA GLN A 336 29.26 -18.38 -3.81
C GLN A 336 28.54 -17.26 -3.07
N GLN A 337 28.33 -17.44 -1.77
CA GLN A 337 27.74 -16.40 -0.95
C GLN A 337 28.81 -15.42 -0.46
N ALA A 338 28.50 -14.14 -0.55
CA ALA A 338 29.39 -13.09 -0.08
C ALA A 338 28.62 -12.06 0.74
N ILE A 339 29.35 -11.20 1.44
CA ILE A 339 28.76 -10.02 2.07
C ILE A 339 29.68 -8.82 1.83
N LEU A 340 29.10 -7.69 1.42
CA LEU A 340 29.87 -6.47 1.19
C LEU A 340 29.52 -5.43 2.24
N SER A 341 30.55 -4.78 2.76
CA SER A 341 30.33 -3.71 3.72
C SER A 341 30.91 -2.42 3.19
N ILE A 342 30.02 -1.47 2.89
CA ILE A 342 30.42 -0.12 2.54
C ILE A 342 30.32 0.74 3.80
N LYS A 343 31.27 1.65 3.99
CA LYS A 343 31.21 2.56 5.12
C LYS A 343 30.07 3.54 4.90
N VAL A 344 29.18 3.67 5.88
CA VAL A 344 28.08 4.61 5.76
C VAL A 344 28.59 6.02 6.04
N SER A 345 28.46 6.90 5.04
CA SER A 345 28.91 8.28 5.19
C SER A 345 28.25 9.17 4.15
N THR A 346 28.56 10.46 4.20
CA THR A 346 27.97 11.42 3.28
C THR A 346 28.30 11.06 1.84
N SER A 347 29.50 10.52 1.64
CA SER A 347 29.92 10.10 0.30
C SER A 347 29.70 8.60 0.10
N LEU A 348 28.77 8.28 -0.79
CA LEU A 348 28.31 6.90 -0.98
C LEU A 348 29.36 5.98 -1.58
N GLY A 349 29.16 4.68 -1.42
CA GLY A 349 30.04 3.68 -1.98
C GLY A 349 31.43 3.76 -1.37
N GLU A 350 31.51 4.24 -0.14
CA GLU A 350 32.79 4.49 0.50
C GLU A 350 33.47 3.22 1.04
N ASP A 351 34.73 3.04 0.67
CA ASP A 351 35.57 1.96 1.17
C ASP A 351 34.87 0.61 1.27
N PRO A 352 34.30 0.13 0.16
CA PRO A 352 33.69 -1.22 0.14
C PRO A 352 34.70 -2.35 0.28
N VAL A 353 34.37 -3.34 1.11
CA VAL A 353 35.19 -4.55 1.28
C VAL A 353 34.32 -5.80 1.28
N LEU A 354 34.56 -6.70 0.32
CA LEU A 354 33.78 -7.92 0.19
C LEU A 354 34.24 -8.99 1.16
N THR A 355 33.29 -9.75 1.69
CA THR A 355 33.58 -10.87 2.57
C THR A 355 33.09 -12.15 1.89
N ILE A 356 34.03 -13.03 1.55
CA ILE A 356 33.71 -14.26 0.83
C ILE A 356 34.07 -15.47 1.70
N PRO A 357 33.15 -15.85 2.60
CA PRO A 357 33.32 -16.88 3.62
C PRO A 357 33.68 -18.25 3.03
N PRO A 358 34.24 -19.13 3.87
CA PRO A 358 34.61 -20.48 3.44
C PRO A 358 33.36 -21.33 3.22
N ASN A 359 33.41 -22.19 2.20
CA ASN A 359 32.26 -23.04 1.88
C ASN A 359 32.24 -24.27 2.76
N THR A 360 33.19 -24.33 3.69
CA THR A 360 33.13 -25.27 4.79
C THR A 360 32.01 -24.84 5.74
N VAL A 361 31.62 -23.56 5.65
CA VAL A 361 30.50 -23.03 6.43
C VAL A 361 29.27 -22.81 5.56
N THR A 362 29.40 -21.93 4.56
CA THR A 362 28.28 -21.53 3.72
C THR A 362 27.96 -22.56 2.63
N LEU A 363 26.69 -22.63 2.27
CA LEU A 363 26.25 -23.46 1.16
C LEU A 363 26.44 -22.73 -0.18
N MET A 364 25.92 -23.30 -1.25
CA MET A 364 25.92 -22.62 -2.53
C MET A 364 25.22 -21.29 -2.38
N GLY A 365 25.90 -20.21 -2.77
CA GLY A 365 25.38 -18.87 -2.58
C GLY A 365 23.97 -18.68 -3.12
N ALA A 366 23.21 -17.83 -2.43
CA ALA A 366 21.83 -17.53 -2.82
C ALA A 366 21.37 -16.22 -2.20
N GLU A 367 20.10 -15.88 -2.42
CA GLU A 367 19.55 -14.65 -1.87
C GLU A 367 19.58 -14.75 -0.36
N GLY A 368 19.49 -13.61 0.33
CA GLY A 368 19.49 -13.63 1.77
C GLY A 368 19.45 -12.27 2.41
N ARG A 369 19.61 -12.24 3.73
CA ARG A 369 19.56 -11.00 4.49
C ARG A 369 20.56 -11.03 5.64
N VAL A 370 21.21 -9.89 5.87
CA VAL A 370 22.03 -9.71 7.05
C VAL A 370 21.18 -8.98 8.06
N LEU A 371 20.91 -9.60 9.19
CA LEU A 371 20.07 -8.96 10.19
C LEU A 371 20.68 -8.97 11.58
N THR A 372 20.25 -8.03 12.40
CA THR A 372 20.72 -7.93 13.77
C THR A 372 19.54 -7.87 14.71
N VAL A 373 19.50 -8.77 15.68
CA VAL A 373 18.52 -8.68 16.74
C VAL A 373 19.27 -8.60 18.07
N GLY A 374 19.09 -7.49 18.77
CA GLY A 374 19.82 -7.26 20.00
C GLY A 374 21.30 -7.15 19.73
N THR A 375 22.10 -7.95 20.45
CA THR A 375 23.54 -7.82 20.41
C THR A 375 24.19 -8.74 19.38
N SER A 376 23.37 -9.50 18.65
CA SER A 376 23.88 -10.50 17.73
C SER A 376 23.35 -10.35 16.29
N HIS A 377 24.17 -10.73 15.32
CA HIS A 377 23.84 -10.57 13.91
C HIS A 377 23.77 -11.92 13.19
N PHE A 378 22.89 -12.01 12.20
CA PHE A 378 22.70 -13.24 11.45
C PHE A 378 22.69 -13.00 9.93
N LEU A 379 23.11 -14.01 9.17
CA LEU A 379 22.88 -14.02 7.73
C LEU A 379 21.89 -15.13 7.38
N TYR A 380 20.84 -14.76 6.68
CA TYR A 380 19.92 -15.75 6.13
C TYR A 380 20.39 -16.13 4.73
N GLN A 381 20.37 -17.42 4.43
CA GLN A 381 20.64 -17.88 3.08
C GLN A 381 19.40 -18.55 2.53
N ARG A 382 18.99 -18.17 1.32
CA ARG A 382 17.86 -18.80 0.69
C ARG A 382 18.19 -20.27 0.47
N GLY A 383 17.16 -21.11 0.37
CA GLY A 383 17.33 -22.54 0.32
C GLY A 383 17.71 -23.06 -1.05
N SER A 384 18.25 -22.18 -1.88
CA SER A 384 18.45 -22.45 -3.31
C SER A 384 19.20 -23.75 -3.62
N SER A 385 19.98 -24.24 -2.66
CA SER A 385 20.67 -25.52 -2.82
C SER A 385 19.79 -26.67 -2.35
N TYR A 386 20.41 -27.83 -2.17
CA TYR A 386 19.73 -29.03 -1.69
C TYR A 386 19.10 -28.94 -0.30
N PHE A 387 19.45 -27.92 0.49
CA PHE A 387 19.03 -27.90 1.89
C PHE A 387 17.69 -27.18 2.15
N SER A 388 16.69 -27.95 2.58
CA SER A 388 15.34 -27.43 2.80
C SER A 388 15.12 -26.47 3.97
N PRO A 389 15.54 -26.86 5.19
CA PRO A 389 15.24 -26.08 6.40
C PRO A 389 15.82 -24.67 6.40
N ALA A 390 15.07 -23.72 6.95
CA ALA A 390 15.53 -22.33 7.04
C ALA A 390 16.88 -22.24 7.74
N LEU A 391 17.73 -21.33 7.30
CA LEU A 391 19.05 -21.16 7.89
C LEU A 391 19.32 -19.76 8.41
N LEU A 392 19.95 -19.68 9.58
CA LEU A 392 20.63 -18.47 10.00
C LEU A 392 22.05 -18.81 10.43
N TYR A 393 23.02 -18.33 9.66
CA TYR A 393 24.41 -18.43 10.08
C TYR A 393 24.64 -17.30 11.06
N PRO A 394 25.07 -17.63 12.30
CA PRO A 394 25.42 -16.53 13.20
C PRO A 394 26.58 -15.72 12.63
N MET A 395 26.44 -14.41 12.57
CA MET A 395 27.48 -13.55 12.00
C MET A 395 28.18 -12.71 13.05
N THR A 396 29.50 -12.75 13.05
CA THR A 396 30.31 -11.88 13.90
C THR A 396 31.20 -11.00 13.02
N VAL A 397 31.30 -9.73 13.38
CA VAL A 397 32.02 -8.75 12.57
C VAL A 397 33.38 -8.41 13.15
N ASN A 398 34.43 -8.50 12.32
CA ASN A 398 35.79 -8.27 12.79
C ASN A 398 36.21 -6.82 12.65
N ASN A 399 36.56 -6.40 11.44
CA ASN A 399 36.75 -4.97 11.18
C ASN A 399 35.91 -4.50 10.02
N ASN A 400 36.41 -4.77 8.82
CA ASN A 400 35.65 -4.60 7.60
C ASN A 400 35.16 -5.96 7.13
N THR A 401 35.55 -7.00 7.86
CA THR A 401 35.25 -8.37 7.49
C THR A 401 34.35 -9.02 8.54
N ALA A 402 33.48 -9.92 8.08
CA ALA A 402 32.61 -10.64 8.98
C ALA A 402 32.95 -12.12 8.92
N THR A 403 32.65 -12.87 9.98
CA THR A 403 32.85 -14.31 9.94
C THR A 403 31.57 -15.07 10.28
N LEU A 404 31.41 -16.23 9.68
CA LEU A 404 30.19 -17.01 9.82
C LEU A 404 30.45 -18.33 10.53
N HIS A 405 29.49 -18.73 11.38
CA HIS A 405 29.64 -19.89 12.21
C HIS A 405 28.52 -20.87 11.90
N SER A 406 28.67 -22.12 12.36
CA SER A 406 27.73 -23.17 11.99
C SER A 406 26.31 -22.66 12.17
N PRO A 407 25.48 -22.81 11.13
CA PRO A 407 24.19 -22.13 11.03
C PRO A 407 23.14 -22.69 11.97
N TYR A 408 22.21 -21.85 12.39
CA TYR A 408 20.99 -22.35 13.00
C TYR A 408 20.19 -23.04 11.90
N THR A 409 19.33 -23.98 12.30
CA THR A 409 18.46 -24.62 11.33
C THR A 409 17.07 -24.82 11.94
N PHE A 410 16.03 -24.73 11.11
CA PHE A 410 14.67 -24.92 11.59
C PHE A 410 13.98 -25.93 10.67
N ASN A 411 13.67 -27.08 11.24
CA ASN A 411 13.37 -28.26 10.45
C ASN A 411 11.97 -28.27 9.87
N ALA A 412 11.03 -27.66 10.57
CA ALA A 412 9.65 -27.59 10.08
C ALA A 412 9.47 -26.41 9.14
N PHE A 413 10.51 -25.59 9.00
CA PHE A 413 10.46 -24.40 8.16
C PHE A 413 11.15 -24.73 6.85
N THR A 414 10.36 -24.89 5.80
CA THR A 414 10.89 -25.35 4.53
C THR A 414 10.59 -24.41 3.38
N ARG A 415 11.45 -24.44 2.37
CA ARG A 415 11.08 -23.95 1.06
C ARG A 415 10.56 -25.16 0.30
N PRO A 416 9.68 -24.93 -0.68
CA PRO A 416 9.44 -26.00 -1.65
C PRO A 416 10.57 -26.04 -2.66
N GLY A 417 10.84 -27.20 -3.26
CA GLY A 417 11.89 -27.30 -4.25
C GLY A 417 11.64 -28.43 -5.22
N SER A 418 12.21 -28.32 -6.42
CA SER A 418 12.09 -29.39 -7.39
C SER A 418 13.01 -30.54 -7.01
N VAL A 419 12.62 -31.76 -7.34
CA VAL A 419 13.37 -32.92 -6.92
C VAL A 419 14.79 -32.96 -7.51
N PRO A 420 15.71 -33.66 -6.83
CA PRO A 420 15.47 -34.16 -5.48
C PRO A 420 15.89 -33.13 -4.45
N CYS A 421 15.48 -31.89 -4.68
CA CYS A 421 15.73 -30.80 -3.75
C CYS A 421 14.52 -30.41 -2.91
N GLN A 422 13.47 -31.21 -2.98
CA GLN A 422 12.16 -30.77 -2.51
C GLN A 422 12.16 -30.59 -0.99
N ALA A 423 11.04 -30.14 -0.47
CA ALA A 423 10.95 -29.72 0.93
C ALA A 423 11.40 -30.83 1.87
N SER A 424 11.22 -32.08 1.43
CA SER A 424 11.54 -33.24 2.23
C SER A 424 12.98 -33.72 2.01
N ALA A 425 13.76 -32.96 1.25
CA ALA A 425 15.09 -33.38 0.83
C ALA A 425 15.94 -33.90 1.99
N ARG A 426 16.52 -35.07 1.78
CA ARG A 426 17.29 -35.78 2.79
C ARG A 426 18.79 -35.56 2.62
N CYS A 427 19.31 -36.01 1.48
CA CYS A 427 20.74 -36.00 1.22
C CYS A 427 21.19 -34.77 0.42
N PRO A 428 22.52 -34.67 0.18
CA PRO A 428 23.10 -33.61 -0.65
C PRO A 428 22.78 -33.75 -2.13
N ASN A 429 22.99 -32.68 -2.89
CA ASN A 429 22.71 -32.68 -4.33
C ASN A 429 23.02 -31.34 -5.01
N SER A 430 23.14 -31.40 -6.34
CA SER A 430 23.31 -30.21 -7.15
C SER A 430 21.98 -29.75 -7.69
N CYS A 431 21.66 -28.47 -7.50
CA CYS A 431 20.39 -27.93 -7.97
C CYS A 431 20.28 -26.43 -7.71
N VAL A 432 19.36 -25.79 -8.42
CA VAL A 432 18.97 -24.42 -8.13
C VAL A 432 17.45 -24.33 -8.16
N THR A 433 16.86 -24.04 -7.01
CA THR A 433 15.42 -24.07 -6.83
C THR A 433 15.13 -23.38 -5.51
N GLY A 434 13.89 -23.40 -5.05
CA GLY A 434 13.58 -22.89 -3.73
C GLY A 434 13.12 -21.45 -3.71
N VAL A 435 12.92 -20.91 -2.51
CA VAL A 435 12.27 -19.60 -2.37
C VAL A 435 12.79 -18.85 -1.15
N TYR A 436 12.62 -17.53 -1.16
CA TYR A 436 13.11 -16.68 -0.10
C TYR A 436 12.05 -16.50 0.96
N THR A 437 12.30 -17.04 2.15
CA THR A 437 11.40 -16.87 3.28
C THR A 437 12.20 -16.55 4.55
N ASP A 438 11.94 -15.37 5.12
CA ASP A 438 12.67 -14.90 6.29
C ASP A 438 12.23 -15.56 7.58
N PRO A 439 13.18 -16.12 8.31
CA PRO A 439 13.08 -16.60 9.69
C PRO A 439 13.47 -15.52 10.70
N TYR A 440 12.57 -14.60 11.02
CA TYR A 440 12.91 -13.57 12.00
C TYR A 440 12.87 -14.10 13.43
N PRO A 441 14.01 -14.00 14.14
CA PRO A 441 14.18 -14.53 15.50
C PRO A 441 13.25 -13.90 16.55
N LEU A 442 12.55 -14.73 17.32
CA LEU A 442 11.69 -14.22 18.40
C LEU A 442 12.16 -14.71 19.77
N VAL A 443 11.95 -15.98 20.06
CA VAL A 443 12.29 -16.54 21.37
C VAL A 443 13.79 -16.79 21.53
N PHE A 444 14.35 -16.25 22.60
CA PHE A 444 15.80 -16.33 22.83
C PHE A 444 16.12 -16.93 24.19
N HIS A 445 17.26 -17.59 24.27
CA HIS A 445 17.78 -17.99 25.57
C HIS A 445 18.42 -16.76 26.20
N ARG A 446 18.50 -16.76 27.53
CA ARG A 446 19.38 -15.86 28.24
C ARG A 446 20.81 -16.23 27.88
N ASN A 447 20.98 -17.47 27.45
CA ASN A 447 22.24 -17.99 26.95
C ASN A 447 22.65 -17.08 25.81
N HIS A 448 21.68 -16.29 25.35
CA HIS A 448 21.81 -15.47 24.15
C HIS A 448 21.94 -16.35 22.91
N THR A 449 21.43 -17.56 23.02
CA THR A 449 21.42 -18.50 21.92
C THR A 449 19.99 -18.67 21.45
N LEU A 450 19.83 -18.93 20.16
CA LEU A 450 18.53 -18.82 19.50
C LEU A 450 17.65 -20.05 19.64
N ARG A 451 16.45 -19.86 20.16
CA ARG A 451 15.48 -20.94 20.33
C ARG A 451 14.57 -21.08 19.12
N GLY A 452 13.81 -20.02 18.83
CA GLY A 452 12.85 -20.09 17.74
C GLY A 452 12.67 -18.78 16.98
N VAL A 453 12.06 -18.91 15.80
CA VAL A 453 11.97 -17.82 14.85
C VAL A 453 10.55 -17.69 14.31
N PHE A 454 10.22 -16.54 13.73
CA PHE A 454 8.95 -16.36 13.04
C PHE A 454 9.15 -16.16 11.55
N GLY A 455 8.21 -16.66 10.76
CA GLY A 455 8.25 -16.48 9.33
C GLY A 455 7.05 -17.04 8.61
N THR A 456 6.85 -16.59 7.38
CA THR A 456 5.80 -17.13 6.53
C THR A 456 6.44 -18.09 5.52
N MET A 457 6.15 -19.36 5.67
CA MET A 457 6.69 -20.37 4.77
C MET A 457 5.66 -20.74 3.73
N LEU A 458 6.10 -20.95 2.49
CA LEU A 458 5.21 -21.52 1.51
C LEU A 458 5.18 -23.00 1.83
N ASP A 459 3.99 -23.50 2.18
CA ASP A 459 3.86 -24.88 2.62
C ASP A 459 3.40 -25.70 1.42
N ASP A 460 4.34 -26.48 0.89
CA ASP A 460 4.13 -27.38 -0.23
C ASP A 460 5.49 -27.97 -0.56
N GLU A 461 5.50 -29.11 -1.24
CA GLU A 461 6.74 -29.81 -1.48
C GLU A 461 7.54 -29.22 -2.64
N GLN A 462 6.88 -28.99 -3.76
CA GLN A 462 7.56 -28.70 -5.01
C GLN A 462 7.31 -27.29 -5.51
N ALA A 463 6.04 -26.97 -5.81
CA ALA A 463 5.73 -25.65 -6.34
C ALA A 463 5.86 -24.64 -5.22
N ARG A 464 5.72 -23.36 -5.53
CA ARG A 464 5.77 -22.33 -4.51
C ARG A 464 4.36 -21.81 -4.35
N LEU A 465 3.72 -22.24 -3.26
CA LEU A 465 2.28 -22.15 -3.10
C LEU A 465 1.92 -22.15 -1.63
N ASN A 466 0.71 -21.68 -1.33
CA ASN A 466 0.13 -21.76 0.00
C ASN A 466 1.03 -21.23 1.12
N LEU A 467 1.32 -19.93 1.09
CA LEU A 467 2.02 -19.27 2.18
C LEU A 467 1.30 -19.44 3.53
N VAL A 468 2.05 -19.77 4.58
CA VAL A 468 1.49 -19.82 5.94
C VAL A 468 2.48 -19.28 6.99
N SER A 469 1.97 -18.45 7.89
CA SER A 469 2.79 -17.87 8.96
C SER A 469 2.75 -18.77 10.18
N ALA A 470 3.89 -18.92 10.84
CA ALA A 470 3.94 -19.63 12.11
C ALA A 470 5.27 -19.42 12.82
N VAL A 471 5.36 -19.95 14.03
CA VAL A 471 6.60 -19.86 14.80
C VAL A 471 7.35 -21.16 14.68
N PHE A 472 8.64 -21.07 14.42
CA PHE A 472 9.43 -22.24 14.11
C PHE A 472 10.51 -22.50 15.14
N ASP A 473 10.99 -23.74 15.12
CA ASP A 473 11.80 -24.29 16.20
C ASP A 473 12.69 -25.36 15.59
N ASN A 474 13.68 -25.82 16.34
CA ASN A 474 14.56 -26.86 15.83
C ASN A 474 13.71 -27.88 15.10
N ILE A 475 12.88 -28.61 15.83
CA ILE A 475 12.01 -29.61 15.22
C ILE A 475 10.67 -29.10 14.65
N SER A 476 9.97 -28.24 15.37
CA SER A 476 8.52 -28.10 15.15
C SER A 476 7.99 -26.70 14.83
N ARG A 477 6.78 -26.64 14.31
CA ARG A 477 6.11 -25.37 14.01
C ARG A 477 4.84 -25.18 14.84
N SER A 478 4.49 -23.93 15.10
CA SER A 478 3.34 -23.59 15.93
C SER A 478 2.02 -23.80 15.19
N ARG A 479 0.92 -23.45 15.85
CA ARG A 479 -0.35 -23.33 15.16
C ARG A 479 -0.12 -22.25 14.11
N ILE A 480 -0.80 -22.35 12.98
CA ILE A 480 -0.46 -21.52 11.82
C ILE A 480 -1.55 -20.54 11.40
N THR A 481 -1.13 -19.50 10.69
CA THR A 481 -2.08 -18.60 10.05
C THR A 481 -1.92 -18.71 8.53
N ARG A 482 -2.91 -19.31 7.88
CA ARG A 482 -2.91 -19.40 6.42
C ARG A 482 -3.18 -18.05 5.81
N VAL A 483 -2.53 -17.75 4.69
CA VAL A 483 -2.76 -16.47 4.04
C VAL A 483 -4.06 -16.51 3.24
N SER A 484 -4.38 -17.66 2.68
CA SER A 484 -5.67 -17.83 2.05
C SER A 484 -6.03 -19.31 1.91
N SER A 485 -7.26 -19.58 1.48
CA SER A 485 -7.72 -20.95 1.31
C SER A 485 -7.65 -21.39 -0.15
N SER A 486 -7.28 -20.46 -1.01
CA SER A 486 -7.22 -20.73 -2.44
C SER A 486 -5.82 -21.14 -2.85
N ARG A 487 -5.65 -21.47 -4.13
CA ARG A 487 -4.30 -21.68 -4.62
C ARG A 487 -3.75 -20.28 -4.82
N THR A 488 -2.71 -19.98 -4.06
CA THR A 488 -2.04 -18.70 -4.16
C THR A 488 -0.55 -18.97 -4.18
N LYS A 489 0.10 -18.56 -5.26
CA LYS A 489 1.54 -18.74 -5.38
C LYS A 489 2.24 -17.62 -4.64
N ALA A 490 3.56 -17.71 -4.55
CA ALA A 490 4.37 -16.71 -3.87
C ALA A 490 5.83 -16.68 -4.34
N ALA A 491 6.47 -15.54 -4.19
CA ALA A 491 7.84 -15.36 -4.65
C ALA A 491 8.77 -15.10 -3.48
N TYR A 492 8.49 -14.02 -2.75
CA TYR A 492 9.27 -13.63 -1.59
C TYR A 492 8.37 -13.41 -0.38
N THR A 493 8.87 -13.73 0.82
CA THR A 493 8.27 -13.30 2.07
C THR A 493 9.37 -12.86 3.01
N THR A 494 9.24 -11.66 3.56
CA THR A 494 10.27 -11.13 4.44
C THR A 494 9.64 -10.68 5.76
N SER A 495 10.17 -11.18 6.86
CA SER A 495 9.55 -11.00 8.16
C SER A 495 10.48 -10.33 9.16
N THR A 496 9.96 -9.32 9.87
CA THR A 496 10.67 -8.73 10.99
C THR A 496 9.69 -8.41 12.11
N CYS A 497 10.09 -8.68 13.35
CA CYS A 497 9.19 -8.57 14.50
C CYS A 497 9.61 -7.48 15.49
N PHE A 498 8.66 -6.59 15.78
CA PHE A 498 8.85 -5.53 16.77
C PHE A 498 7.88 -5.72 17.93
N LYS A 499 7.95 -4.85 18.94
CA LYS A 499 6.96 -4.88 20.02
C LYS A 499 6.55 -3.46 20.40
N VAL A 500 5.26 -3.22 20.51
CA VAL A 500 4.77 -1.97 21.10
C VAL A 500 4.90 -2.12 22.61
N VAL A 501 5.68 -1.24 23.24
CA VAL A 501 6.03 -1.35 24.65
C VAL A 501 4.90 -0.88 25.56
N LYS A 502 4.22 0.20 25.17
CA LYS A 502 3.10 0.71 25.96
C LYS A 502 2.13 -0.42 26.30
N THR A 503 1.71 -1.18 25.31
CA THR A 503 0.77 -2.27 25.53
C THR A 503 1.48 -3.57 25.89
N ASN A 504 2.80 -3.56 25.72
CA ASN A 504 3.59 -4.79 25.86
C ASN A 504 2.95 -5.95 25.11
N LYS A 505 2.64 -5.71 23.83
CA LYS A 505 2.20 -6.76 22.94
C LYS A 505 3.21 -6.91 21.80
N THR A 506 3.47 -8.15 21.41
CA THR A 506 4.47 -8.43 20.37
C THR A 506 3.83 -8.67 19.00
N TYR A 507 4.45 -8.08 17.97
CA TYR A 507 3.96 -8.18 16.61
C TYR A 507 5.04 -8.64 15.63
N CYS A 508 4.60 -9.10 14.46
CA CYS A 508 5.50 -9.42 13.37
C CYS A 508 4.95 -8.90 12.05
N LEU A 509 5.74 -8.11 11.34
CA LEU A 509 5.44 -7.75 9.97
C LEU A 509 6.01 -8.84 9.09
N SER A 510 5.19 -9.40 8.23
CA SER A 510 5.68 -10.36 7.26
C SER A 510 5.20 -9.94 5.88
N ILE A 511 6.12 -9.48 5.04
CA ILE A 511 5.79 -8.99 3.72
C ILE A 511 5.85 -10.13 2.71
N ALA A 512 4.79 -10.29 1.94
CA ALA A 512 4.76 -11.37 0.97
C ALA A 512 4.46 -10.84 -0.41
N GLU A 513 5.09 -11.44 -1.39
CA GLU A 513 4.75 -11.16 -2.77
C GLU A 513 3.83 -12.31 -3.14
N ILE A 514 2.55 -12.00 -3.24
CA ILE A 514 1.52 -13.01 -3.37
C ILE A 514 0.84 -12.82 -4.71
N SER A 515 0.26 -13.91 -5.23
CA SER A 515 -0.45 -13.87 -6.49
C SER A 515 -1.74 -14.60 -6.27
N ASN A 516 -2.86 -13.90 -6.41
CA ASN A 516 -4.13 -14.40 -5.88
C ASN A 516 -5.37 -13.87 -6.59
N THR A 517 -6.49 -14.54 -6.37
CA THR A 517 -7.77 -14.13 -6.92
C THR A 517 -8.29 -12.91 -6.14
N LEU A 518 -8.20 -12.98 -4.82
CA LEU A 518 -8.64 -11.90 -3.95
C LEU A 518 -7.71 -10.70 -4.02
N PHE A 519 -6.43 -10.94 -3.80
CA PHE A 519 -5.46 -9.84 -3.73
C PHE A 519 -5.11 -9.24 -5.09
N GLY A 520 -4.75 -10.09 -6.04
CA GLY A 520 -4.42 -9.63 -7.38
C GLY A 520 -3.39 -10.52 -8.04
N GLU A 521 -3.04 -10.22 -9.29
CA GLU A 521 -2.07 -11.04 -10.02
C GLU A 521 -0.76 -11.15 -9.27
N PHE A 522 0.03 -10.08 -9.25
CA PHE A 522 1.23 -10.06 -8.43
C PHE A 522 1.14 -8.88 -7.49
N ARG A 523 0.98 -9.16 -6.21
CA ARG A 523 0.64 -8.13 -5.23
C ARG A 523 1.45 -8.29 -3.95
N ILE A 524 2.01 -7.18 -3.48
CA ILE A 524 2.76 -7.21 -2.23
C ILE A 524 1.92 -6.76 -1.05
N VAL A 525 1.72 -7.70 -0.13
CA VAL A 525 0.86 -7.51 1.02
C VAL A 525 1.66 -7.54 2.30
N PRO A 526 1.65 -6.42 3.05
CA PRO A 526 2.31 -6.34 4.35
C PRO A 526 1.45 -6.99 5.43
N LEU A 527 1.57 -8.31 5.55
CA LEU A 527 0.81 -9.08 6.54
C LEU A 527 1.25 -8.77 7.96
N LEU A 528 0.27 -8.50 8.84
CA LEU A 528 0.57 -8.22 10.25
C LEU A 528 -0.01 -9.28 11.17
N VAL A 529 0.75 -9.63 12.18
CA VAL A 529 0.34 -10.67 13.12
C VAL A 529 0.67 -10.29 14.56
N GLU A 530 -0.18 -10.71 15.49
CA GLU A 530 0.15 -10.60 16.91
C GLU A 530 0.63 -11.95 17.42
N ILE A 531 1.72 -11.93 18.19
CA ILE A 531 2.24 -13.16 18.76
C ILE A 531 1.52 -13.47 20.08
N LEU A 532 1.18 -14.73 20.26
CA LEU A 532 0.33 -15.13 21.38
C LEU A 532 0.94 -16.34 22.08
N LYS A 533 0.44 -16.67 23.26
CA LYS A 533 0.91 -17.86 23.97
C LYS A 533 -0.19 -18.91 24.01
N ASP A 534 0.12 -20.05 24.61
CA ASP A 534 -0.85 -21.13 24.76
C ASP A 534 -1.15 -21.36 26.22
N ASP A 535 -2.45 -21.49 26.53
CA ASP A 535 -2.91 -21.57 27.91
C ASP A 535 -2.82 -20.19 28.58
N GLY A 536 -2.27 -19.22 27.84
CA GLY A 536 -2.20 -17.85 28.30
C GLY A 536 -1.36 -17.67 29.56
N ALA B 92 1.15 24.15 4.97
CA ALA B 92 0.72 25.02 3.89
C ALA B 92 1.20 24.53 2.53
N PRO B 93 0.72 23.34 2.11
CA PRO B 93 1.11 22.67 0.88
C PRO B 93 0.49 23.30 -0.37
N VAL B 94 1.01 22.92 -1.54
CA VAL B 94 0.52 23.40 -2.84
C VAL B 94 1.26 22.64 -3.94
N HIS B 95 0.69 22.65 -5.14
CA HIS B 95 1.19 21.84 -6.24
C HIS B 95 2.53 22.30 -6.78
N ASP B 96 3.24 21.39 -7.43
CA ASP B 96 4.47 21.74 -8.15
C ASP B 96 4.14 22.79 -9.21
N PRO B 97 5.14 23.58 -9.63
CA PRO B 97 4.83 24.71 -10.53
C PRO B 97 4.31 24.32 -11.92
N ASP B 98 4.84 23.23 -12.46
CA ASP B 98 4.45 22.76 -13.78
C ASP B 98 2.94 22.67 -13.90
N TYR B 99 2.29 22.32 -12.79
CA TYR B 99 0.83 22.27 -12.73
C TYR B 99 0.24 23.67 -12.48
N ILE B 100 1.03 24.54 -11.87
CA ILE B 100 0.49 25.83 -11.45
C ILE B 100 -0.19 26.56 -12.60
N GLY B 101 -1.45 26.92 -12.39
CA GLY B 101 -2.25 27.61 -13.39
C GLY B 101 -3.21 26.72 -14.13
N GLY B 102 -2.94 25.41 -14.12
CA GLY B 102 -3.73 24.46 -14.88
C GLY B 102 -4.63 23.54 -14.09
N ILE B 103 -4.87 23.86 -12.82
CA ILE B 103 -5.57 22.93 -11.93
C ILE B 103 -7.10 22.98 -11.99
N GLY B 104 -7.68 24.04 -11.44
CA GLY B 104 -9.12 24.11 -11.25
C GLY B 104 -9.89 24.81 -12.35
N LYS B 105 -9.33 24.85 -13.55
CA LYS B 105 -9.87 25.68 -14.61
C LYS B 105 -10.18 24.93 -15.90
N GLU B 106 -10.91 25.60 -16.79
CA GLU B 106 -11.34 25.04 -18.06
C GLU B 106 -10.16 24.54 -18.91
N LEU B 107 -10.26 23.31 -19.40
CA LEU B 107 -9.13 22.66 -20.05
C LEU B 107 -9.07 22.89 -21.57
N ILE B 108 -10.00 22.31 -22.31
CA ILE B 108 -9.99 22.38 -23.77
C ILE B 108 -11.10 23.27 -24.32
N VAL B 109 -10.74 24.39 -24.93
CA VAL B 109 -11.73 25.25 -25.55
C VAL B 109 -11.53 25.31 -27.07
N ASP B 110 -12.40 24.63 -27.81
CA ASP B 110 -12.41 24.76 -29.27
C ASP B 110 -13.81 24.64 -29.86
N ASP B 111 -14.19 25.61 -30.69
CA ASP B 111 -15.38 25.49 -31.53
C ASP B 111 -15.04 24.74 -32.82
N THR B 112 -13.89 25.09 -33.39
CA THR B 112 -13.45 24.51 -34.67
C THR B 112 -13.21 23.02 -34.56
N SER B 113 -12.94 22.55 -33.34
CA SER B 113 -12.69 21.14 -33.07
C SER B 113 -13.92 20.26 -33.24
N ASP B 114 -13.68 18.95 -33.34
CA ASP B 114 -14.74 17.95 -33.20
C ASP B 114 -14.49 17.20 -31.90
N VAL B 115 -15.39 17.35 -30.92
CA VAL B 115 -15.13 16.83 -29.57
C VAL B 115 -14.75 15.36 -29.50
N THR B 116 -15.57 14.50 -30.10
CA THR B 116 -15.34 13.07 -29.99
C THR B 116 -14.02 12.68 -30.66
N SER B 117 -13.40 13.63 -31.34
CA SER B 117 -12.11 13.42 -31.98
C SER B 117 -10.97 13.40 -30.96
N PHE B 118 -11.29 13.70 -29.71
CA PHE B 118 -10.33 13.56 -28.62
C PHE B 118 -10.45 12.15 -28.02
N TYR B 119 -9.34 11.53 -27.67
CA TYR B 119 -9.40 10.20 -27.09
C TYR B 119 -8.34 10.00 -25.99
N PRO B 120 -8.63 9.09 -25.05
CA PRO B 120 -7.68 8.74 -23.99
C PRO B 120 -6.48 7.95 -24.51
N SER B 121 -5.32 8.25 -23.94
CA SER B 121 -4.12 7.46 -24.14
C SER B 121 -4.37 6.14 -23.45
N ALA B 122 -3.55 5.13 -23.72
CA ALA B 122 -3.73 3.88 -23.00
C ALA B 122 -3.35 4.24 -21.58
N PHE B 123 -3.47 3.30 -20.65
CA PHE B 123 -3.40 3.68 -19.25
C PHE B 123 -1.98 3.90 -18.76
N GLN B 124 -1.73 5.12 -18.29
CA GLN B 124 -0.40 5.54 -17.87
C GLN B 124 -0.01 4.96 -16.53
N GLU B 125 1.29 4.87 -16.30
CA GLU B 125 1.85 4.23 -15.11
C GLU B 125 2.48 5.26 -14.19
N HIS B 126 1.89 5.46 -13.01
CA HIS B 126 2.45 6.39 -12.05
C HIS B 126 2.53 5.77 -10.66
N LEU B 127 2.91 6.58 -9.67
CA LEU B 127 3.02 6.10 -8.30
C LEU B 127 1.65 6.17 -7.61
N ASN B 128 1.15 5.00 -7.22
CA ASN B 128 -0.21 4.89 -6.69
C ASN B 128 -0.39 5.51 -5.31
N PHE B 129 -1.37 6.41 -5.18
CA PHE B 129 -1.64 7.04 -3.88
C PHE B 129 -2.75 6.40 -3.03
N ILE B 130 -3.50 5.47 -3.61
CA ILE B 130 -4.64 4.89 -2.90
C ILE B 130 -4.31 3.52 -2.29
N PRO B 131 -4.32 3.46 -0.95
CA PRO B 131 -3.94 2.26 -0.19
C PRO B 131 -4.77 1.05 -0.56
N ALA B 132 -4.13 -0.11 -0.66
CA ALA B 132 -4.86 -1.35 -0.85
C ALA B 132 -4.95 -2.13 0.47
N PRO B 133 -5.71 -3.23 0.48
CA PRO B 133 -5.99 -3.97 1.72
C PRO B 133 -4.82 -4.75 2.33
N THR B 134 -4.82 -4.81 3.66
CA THR B 134 -3.79 -5.51 4.41
C THR B 134 -4.19 -6.96 4.72
N THR B 135 -5.29 -7.41 4.13
CA THR B 135 -5.95 -8.64 4.57
C THR B 135 -7.04 -9.13 3.61
N GLY B 136 -7.43 -10.41 3.75
CA GLY B 136 -8.46 -10.98 2.91
C GLY B 136 -9.81 -10.69 3.55
N SER B 137 -9.75 -9.99 4.67
CA SER B 137 -10.94 -9.58 5.39
C SER B 137 -11.41 -8.21 4.93
N GLY B 138 -10.60 -7.18 5.18
CA GLY B 138 -10.95 -5.82 4.85
C GLY B 138 -10.90 -5.49 3.37
N CYS B 139 -11.80 -4.60 2.95
CA CYS B 139 -11.91 -4.21 1.55
C CYS B 139 -12.15 -2.71 1.44
N THR B 140 -11.48 -2.08 0.47
CA THR B 140 -11.61 -0.65 0.27
C THR B 140 -12.69 -0.35 -0.75
N ARG B 141 -13.58 0.57 -0.42
CA ARG B 141 -14.74 0.86 -1.26
C ARG B 141 -15.27 2.29 -1.07
N ILE B 142 -16.11 2.74 -1.99
CA ILE B 142 -16.74 4.05 -1.92
C ILE B 142 -15.72 5.20 -1.84
N PRO B 143 -15.01 5.44 -2.94
CA PRO B 143 -14.00 6.50 -3.09
C PRO B 143 -14.60 7.89 -3.28
N SER B 144 -13.92 8.90 -2.76
CA SER B 144 -14.33 10.30 -2.93
C SER B 144 -13.11 11.18 -3.19
N PHE B 145 -13.19 12.04 -4.20
CA PHE B 145 -12.02 12.82 -4.62
C PHE B 145 -12.37 14.26 -5.04
N ASP B 146 -11.52 15.20 -4.64
CA ASP B 146 -11.66 16.61 -5.01
C ASP B 146 -10.30 17.32 -4.95
N MET B 147 -10.12 18.36 -5.78
CA MET B 147 -8.84 19.06 -5.84
C MET B 147 -8.97 20.57 -6.12
N SER B 148 -8.29 21.42 -5.35
CA SER B 148 -8.20 22.84 -5.74
C SER B 148 -6.78 23.38 -5.80
N ALA B 149 -6.26 23.78 -4.63
CA ALA B 149 -4.83 24.04 -4.43
C ALA B 149 -4.22 22.86 -3.70
N THR B 150 -5.09 21.92 -3.34
CA THR B 150 -4.74 20.75 -2.55
C THR B 150 -5.58 19.62 -3.08
N HIS B 151 -5.08 18.39 -3.02
CA HIS B 151 -5.89 17.25 -3.47
C HIS B 151 -6.43 16.38 -2.33
N CYS B 152 -7.76 16.28 -2.28
CA CYS B 152 -8.47 15.64 -1.18
C CYS B 152 -9.05 14.29 -1.60
N TYR B 153 -8.70 13.25 -0.85
CA TYR B 153 -9.22 11.92 -1.14
C TYR B 153 -9.59 11.14 0.10
N THR B 154 -10.70 10.41 -0.01
CA THR B 154 -11.17 9.54 1.07
C THR B 154 -11.90 8.30 0.53
N HIS B 155 -11.69 7.16 1.20
CA HIS B 155 -12.50 5.98 0.92
C HIS B 155 -12.82 5.15 2.18
N ASN B 156 -13.61 4.09 2.00
CA ASN B 156 -14.12 3.30 3.12
C ASN B 156 -13.43 1.93 3.19
N VAL B 157 -13.12 1.46 4.40
CA VAL B 157 -12.65 0.09 4.58
C VAL B 157 -13.65 -0.70 5.40
N ILE B 158 -14.35 -1.63 4.75
CA ILE B 158 -15.30 -2.48 5.45
C ILE B 158 -14.55 -3.72 5.89
N PHE B 159 -15.20 -4.59 6.66
CA PHE B 159 -14.52 -5.76 7.22
C PHE B 159 -15.32 -7.01 6.97
N SER B 160 -14.81 -8.14 7.45
CA SER B 160 -15.49 -9.41 7.24
C SER B 160 -15.91 -9.55 5.78
N GLY B 161 -14.94 -9.56 4.87
CA GLY B 161 -15.22 -9.74 3.47
C GLY B 161 -16.28 -8.82 2.91
N CYS B 162 -16.12 -7.52 3.13
CA CYS B 162 -17.04 -6.52 2.57
C CYS B 162 -18.46 -6.65 3.10
N ARG B 163 -18.60 -7.22 4.29
CA ARG B 163 -19.89 -7.32 4.95
C ARG B 163 -19.83 -6.57 6.27
N ASP B 164 -20.91 -6.65 7.04
CA ASP B 164 -20.93 -6.00 8.35
C ASP B 164 -20.72 -4.50 8.27
N HIS B 165 -21.71 -3.79 7.75
CA HIS B 165 -21.71 -2.33 7.76
C HIS B 165 -21.43 -1.87 9.17
N SER B 166 -21.85 -2.68 10.12
CA SER B 166 -21.82 -2.34 11.53
C SER B 166 -20.52 -1.65 11.89
N HIS B 167 -19.42 -2.14 11.33
CA HIS B 167 -18.11 -1.57 11.58
C HIS B 167 -17.44 -1.19 10.27
N SER B 168 -16.56 -0.21 10.35
CA SER B 168 -15.70 0.15 9.22
C SER B 168 -14.79 1.30 9.63
N HIS B 169 -13.69 1.45 8.89
CA HIS B 169 -12.85 2.62 9.04
C HIS B 169 -13.10 3.57 7.87
N GLN B 170 -12.42 4.71 7.90
CA GLN B 170 -12.48 5.66 6.80
C GLN B 170 -11.11 6.29 6.63
N TYR B 171 -10.69 6.45 5.38
CA TYR B 171 -9.38 6.99 5.05
C TYR B 171 -9.51 8.35 4.40
N LEU B 172 -8.81 9.35 4.93
CA LEU B 172 -8.79 10.68 4.32
C LEU B 172 -7.36 11.13 4.08
N ALA B 173 -7.04 11.44 2.83
CA ALA B 173 -5.70 11.85 2.46
C ALA B 173 -5.71 13.27 1.89
N LEU B 174 -4.69 14.04 2.25
CA LEU B 174 -4.54 15.40 1.76
C LEU B 174 -3.21 15.50 1.00
N GLY B 175 -3.28 15.85 -0.28
CA GLY B 175 -2.10 15.79 -1.12
C GLY B 175 -1.97 16.79 -2.25
N VAL B 176 -0.87 16.64 -2.99
CA VAL B 176 -0.44 17.63 -3.96
C VAL B 176 0.04 16.95 -5.23
N LEU B 177 -0.12 17.63 -6.36
CA LEU B 177 0.35 17.10 -7.64
C LEU B 177 1.81 17.47 -7.89
N ARG B 178 2.64 16.46 -8.12
CA ARG B 178 4.07 16.68 -8.31
C ARG B 178 4.57 16.14 -9.65
N THR B 179 5.64 16.74 -10.15
CA THR B 179 6.34 16.19 -11.30
C THR B 179 7.63 15.53 -10.81
N SER B 180 7.97 14.38 -11.39
CA SER B 180 9.19 13.69 -10.99
C SER B 180 10.40 14.32 -11.66
N ALA B 181 11.58 13.82 -11.30
CA ALA B 181 12.82 14.34 -11.85
C ALA B 181 12.84 14.16 -13.36
N THR B 182 12.25 13.06 -13.82
CA THR B 182 12.15 12.79 -15.25
C THR B 182 10.87 13.40 -15.79
N GLY B 183 10.18 14.14 -14.95
CA GLY B 183 9.01 14.90 -15.38
C GLY B 183 7.72 14.11 -15.32
N ARG B 184 7.80 12.88 -14.82
CA ARG B 184 6.64 12.02 -14.71
C ARG B 184 5.63 12.54 -13.71
N VAL B 185 4.38 12.66 -14.14
CA VAL B 185 3.29 13.05 -13.25
C VAL B 185 3.02 11.97 -12.21
N PHE B 186 2.85 12.40 -10.96
CA PHE B 186 2.38 11.49 -9.93
C PHE B 186 1.69 12.28 -8.81
N PHE B 187 0.76 11.63 -8.13
CA PHE B 187 0.13 12.24 -6.97
C PHE B 187 0.85 11.74 -5.74
N SER B 188 1.27 12.67 -4.87
CA SER B 188 1.82 12.27 -3.58
C SER B 188 1.07 12.96 -2.43
N THR B 189 0.42 12.16 -1.58
CA THR B 189 -0.33 12.70 -0.44
C THR B 189 0.68 13.19 0.62
N LEU B 190 0.57 14.46 1.02
CA LEU B 190 1.47 14.97 2.05
C LEU B 190 0.91 14.79 3.48
N ARG B 191 -0.39 14.58 3.60
CA ARG B 191 -1.01 14.37 4.90
C ARG B 191 -2.17 13.36 4.87
N SER B 192 -2.14 12.40 5.79
CA SER B 192 -3.12 11.31 5.77
C SER B 192 -3.61 10.90 7.15
N ILE B 193 -4.89 10.58 7.25
CA ILE B 193 -5.46 10.05 8.49
C ILE B 193 -6.52 8.98 8.23
N ASN B 194 -6.43 7.90 9.00
CA ASN B 194 -7.34 6.77 8.90
C ASN B 194 -8.20 6.74 10.15
N LEU B 195 -9.52 6.82 9.99
CA LEU B 195 -10.39 6.87 11.16
C LEU B 195 -10.79 5.45 11.52
N ASP B 196 -10.22 4.95 12.61
CA ASP B 196 -10.48 3.58 13.05
C ASP B 196 -11.48 3.42 14.20
N ASP B 197 -12.04 4.53 14.68
CA ASP B 197 -12.88 4.46 15.88
C ASP B 197 -14.17 3.71 15.64
N THR B 198 -14.78 3.26 16.75
CA THR B 198 -15.96 2.38 16.72
C THR B 198 -17.14 2.92 15.92
N GLN B 199 -17.17 4.24 15.73
CA GLN B 199 -18.26 4.88 14.99
C GLN B 199 -18.22 4.52 13.52
N ASN B 200 -19.37 4.54 12.86
CA ASN B 200 -19.43 4.20 11.45
C ASN B 200 -19.78 5.42 10.59
N ARG B 201 -18.78 5.95 9.88
CA ARG B 201 -19.06 6.90 8.81
C ARG B 201 -19.29 6.00 7.61
N LYS B 202 -20.46 6.08 6.97
CA LYS B 202 -20.77 5.12 5.90
C LYS B 202 -20.54 5.72 4.51
N SER B 203 -21.48 6.53 4.06
CA SER B 203 -21.24 7.28 2.84
C SER B 203 -20.39 8.46 3.27
N CYS B 204 -19.53 8.95 2.39
CA CYS B 204 -18.71 10.12 2.70
C CYS B 204 -18.40 10.84 1.40
N SER B 205 -18.18 12.14 1.47
CA SER B 205 -17.74 12.89 0.31
C SER B 205 -16.79 13.99 0.77
N VAL B 206 -15.72 14.18 0.02
CA VAL B 206 -14.67 15.11 0.43
C VAL B 206 -14.65 16.33 -0.47
N SER B 207 -14.22 17.46 0.08
CA SER B 207 -14.03 18.67 -0.69
C SER B 207 -12.70 19.31 -0.32
N ALA B 208 -12.10 20.02 -1.27
CA ALA B 208 -10.85 20.73 -1.00
C ALA B 208 -11.14 22.19 -0.68
N THR B 209 -10.91 22.58 0.57
CA THR B 209 -11.12 23.95 1.01
C THR B 209 -9.81 24.55 1.48
N PRO B 210 -9.71 25.89 1.47
CA PRO B 210 -8.45 26.56 1.82
C PRO B 210 -7.91 26.13 3.18
N LEU B 211 -8.78 25.63 4.06
CA LEU B 211 -8.37 25.25 5.41
C LEU B 211 -8.06 23.76 5.57
N GLY B 212 -8.23 22.97 4.50
CA GLY B 212 -7.92 21.56 4.55
C GLY B 212 -8.75 20.71 3.60
N CYS B 213 -8.90 19.43 3.93
CA CYS B 213 -9.84 18.57 3.23
C CYS B 213 -11.10 18.38 4.09
N ASP B 214 -12.19 19.02 3.68
CA ASP B 214 -13.47 18.88 4.40
C ASP B 214 -14.19 17.61 3.98
N MET B 215 -14.93 17.02 4.92
CA MET B 215 -15.63 15.77 4.64
C MET B 215 -17.00 15.73 5.27
N LEU B 216 -17.97 15.21 4.52
CA LEU B 216 -19.31 15.03 5.04
C LEU B 216 -19.68 13.56 5.00
N CYS B 217 -19.88 12.98 6.18
CA CYS B 217 -20.25 11.58 6.26
C CYS B 217 -21.55 11.43 7.02
N SER B 218 -22.04 10.19 7.09
CA SER B 218 -23.20 9.87 7.88
C SER B 218 -22.79 8.79 8.86
N LYS B 219 -23.41 8.80 10.03
CA LYS B 219 -23.20 7.71 10.96
C LYS B 219 -24.47 6.91 11.03
N VAL B 220 -24.42 5.73 10.42
CA VAL B 220 -25.57 4.85 10.33
C VAL B 220 -25.09 3.48 10.76
N THR B 221 -25.80 2.89 11.73
CA THR B 221 -25.50 1.53 12.18
C THR B 221 -26.43 0.49 11.56
N GLU B 222 -27.29 0.93 10.63
CA GLU B 222 -28.31 0.06 10.06
C GLU B 222 -28.36 0.09 8.53
N THR B 223 -29.02 -0.90 7.93
CA THR B 223 -29.17 -0.95 6.49
C THR B 223 -30.12 0.12 6.01
N GLU B 224 -30.09 0.41 4.70
CA GLU B 224 -31.04 1.32 4.09
C GLU B 224 -32.50 0.93 4.39
N GLU B 225 -32.88 -0.26 3.95
CA GLU B 225 -34.26 -0.72 4.03
C GLU B 225 -34.84 -0.46 5.42
N GLU B 226 -34.04 -0.68 6.45
CA GLU B 226 -34.44 -0.36 7.83
C GLU B 226 -34.39 1.14 8.09
N ASP B 227 -33.43 1.82 7.47
CA ASP B 227 -33.29 3.26 7.68
C ASP B 227 -34.47 4.05 7.11
N TYR B 228 -35.17 3.45 6.16
CA TYR B 228 -36.34 4.11 5.58
C TYR B 228 -37.60 3.88 6.39
N ASN B 229 -37.53 2.91 7.31
CA ASN B 229 -38.59 2.74 8.30
C ASN B 229 -38.27 3.53 9.55
N SER B 230 -37.15 4.26 9.51
CA SER B 230 -36.67 5.02 10.65
C SER B 230 -37.62 6.15 11.05
N VAL B 231 -37.85 6.26 12.36
CA VAL B 231 -38.73 7.29 12.90
C VAL B 231 -37.95 8.56 13.20
N ILE B 232 -36.67 8.56 12.84
CA ILE B 232 -35.80 9.71 13.05
C ILE B 232 -34.86 9.89 11.86
N PRO B 233 -34.42 11.12 11.60
CA PRO B 233 -33.47 11.38 10.51
C PRO B 233 -32.10 10.80 10.82
N THR B 234 -31.26 10.64 9.80
CA THR B 234 -29.95 10.01 9.96
C THR B 234 -28.90 10.95 10.56
N SER B 235 -28.13 10.43 11.50
CA SER B 235 -27.06 11.20 12.13
C SER B 235 -26.03 11.60 11.07
N MET B 236 -25.41 12.77 11.24
CA MET B 236 -24.46 13.24 10.25
C MET B 236 -23.28 14.05 10.82
N VAL B 237 -22.11 13.83 10.24
CA VAL B 237 -20.89 14.47 10.70
C VAL B 237 -20.23 15.31 9.60
N HIS B 238 -19.51 16.34 10.03
CA HIS B 238 -18.70 17.15 9.13
C HIS B 238 -17.33 17.31 9.77
N GLY B 239 -16.28 17.02 9.02
CA GLY B 239 -14.94 17.03 9.56
C GLY B 239 -13.92 17.47 8.55
N ARG B 240 -12.73 17.82 9.03
CA ARG B 240 -11.69 18.34 8.16
C ARG B 240 -10.31 17.86 8.60
N LEU B 241 -9.49 17.51 7.61
CA LEU B 241 -8.09 17.21 7.83
C LEU B 241 -7.28 18.47 7.57
N GLY B 242 -6.72 19.05 8.62
CA GLY B 242 -5.96 20.28 8.48
C GLY B 242 -4.60 20.01 7.87
N PHE B 243 -3.99 21.04 7.30
CA PHE B 243 -2.64 20.92 6.78
C PHE B 243 -1.71 20.56 7.93
N ASP B 244 -2.12 20.96 9.13
CA ASP B 244 -1.41 20.62 10.36
C ASP B 244 -1.33 19.12 10.53
N GLY B 245 -2.22 18.40 9.85
CA GLY B 245 -2.29 16.95 9.96
C GLY B 245 -3.27 16.52 11.02
N GLN B 246 -3.54 17.42 11.96
CA GLN B 246 -4.53 17.17 12.99
C GLN B 246 -5.90 17.11 12.34
N TYR B 247 -6.76 16.23 12.83
CA TYR B 247 -8.11 16.10 12.29
C TYR B 247 -9.18 16.38 13.32
N HIS B 248 -10.13 17.24 12.97
CA HIS B 248 -11.23 17.58 13.86
C HIS B 248 -12.56 17.36 13.15
N GLU B 249 -13.58 17.00 13.90
CA GLU B 249 -14.89 16.72 13.33
C GLU B 249 -16.01 17.21 14.24
N LYS B 250 -16.97 17.93 13.65
CA LYS B 250 -18.15 18.35 14.40
C LYS B 250 -19.35 17.55 13.92
N ASP B 251 -20.08 16.96 14.86
CA ASP B 251 -21.32 16.28 14.52
C ASP B 251 -22.36 17.35 14.21
N LEU B 252 -23.38 16.98 13.44
CA LEU B 252 -24.41 17.93 13.06
C LEU B 252 -25.73 17.56 13.68
N ASP B 253 -26.62 18.53 13.83
CA ASP B 253 -27.90 18.27 14.46
C ASP B 253 -28.87 17.90 13.35
N VAL B 254 -29.22 16.61 13.32
CA VAL B 254 -29.98 16.05 12.20
C VAL B 254 -31.48 16.18 12.38
N THR B 255 -31.95 16.44 13.60
CA THR B 255 -33.38 16.54 13.85
C THR B 255 -33.94 17.87 13.36
N THR B 256 -33.28 18.96 13.74
CA THR B 256 -33.75 20.28 13.37
C THR B 256 -33.46 20.60 11.91
N LEU B 257 -32.23 20.33 11.49
CA LEU B 257 -31.83 20.45 10.10
C LEU B 257 -32.69 19.56 9.18
N PHE B 258 -32.59 18.25 9.40
CA PHE B 258 -33.20 17.25 8.53
C PHE B 258 -34.61 16.78 8.89
N GLY B 259 -35.26 17.47 9.82
CA GLY B 259 -36.47 16.96 10.43
C GLY B 259 -37.47 16.33 9.46
N ASP B 260 -37.60 16.89 8.26
CA ASP B 260 -38.54 16.34 7.29
C ASP B 260 -38.12 14.99 6.71
N TRP B 261 -36.89 14.58 6.99
CA TRP B 261 -36.30 13.38 6.37
C TRP B 261 -36.32 12.14 7.27
N VAL B 262 -36.63 10.99 6.67
CA VAL B 262 -36.50 9.70 7.33
C VAL B 262 -35.05 9.22 7.30
N ALA B 263 -34.38 9.46 6.17
CA ALA B 263 -32.97 9.12 6.00
C ALA B 263 -32.23 10.17 5.19
N ASN B 264 -30.94 10.38 5.51
CA ASN B 264 -30.14 11.39 4.83
C ASN B 264 -28.69 10.94 4.65
N TYR B 265 -28.13 11.16 3.46
CA TYR B 265 -26.77 10.72 3.20
C TYR B 265 -25.99 11.71 2.34
N PRO B 266 -24.65 11.73 2.50
CA PRO B 266 -23.75 12.42 1.58
C PRO B 266 -23.82 11.70 0.25
N GLY B 267 -23.49 12.36 -0.85
CA GLY B 267 -23.61 11.74 -2.17
C GLY B 267 -22.43 10.88 -2.57
N VAL B 268 -21.44 10.79 -1.69
CA VAL B 268 -20.23 10.00 -1.94
C VAL B 268 -19.36 10.63 -3.03
N GLY B 269 -19.90 11.60 -3.74
CA GLY B 269 -19.15 12.28 -4.78
C GLY B 269 -18.19 13.27 -4.18
N GLY B 270 -17.65 14.17 -4.99
CA GLY B 270 -16.82 15.23 -4.49
C GLY B 270 -17.62 16.42 -4.01
N GLY B 271 -17.16 17.06 -2.94
CA GLY B 271 -17.74 18.30 -2.49
C GLY B 271 -17.04 19.47 -3.16
N SER B 272 -17.72 20.60 -3.29
CA SER B 272 -17.15 21.74 -4.00
C SER B 272 -17.09 22.99 -3.13
N PHE B 273 -15.98 23.71 -3.26
CA PHE B 273 -15.82 24.97 -2.55
C PHE B 273 -16.26 26.11 -3.46
N ILE B 274 -17.37 26.74 -3.10
CA ILE B 274 -17.89 27.87 -3.87
C ILE B 274 -18.38 28.95 -2.91
N ASP B 275 -17.89 30.17 -3.08
CA ASP B 275 -18.28 31.28 -2.23
C ASP B 275 -18.20 30.97 -0.74
N ASN B 276 -17.04 30.46 -0.31
CA ASN B 276 -16.79 30.20 1.11
C ASN B 276 -17.61 29.07 1.72
N ARG B 277 -18.52 28.49 0.94
CA ARG B 277 -19.32 27.37 1.41
C ARG B 277 -18.77 26.07 0.84
N VAL B 278 -18.79 25.02 1.64
CA VAL B 278 -18.55 23.67 1.13
C VAL B 278 -19.90 23.13 0.69
N TRP B 279 -19.99 22.70 -0.56
CA TRP B 279 -21.27 22.23 -1.08
C TRP B 279 -21.26 20.72 -1.33
N PHE B 280 -21.98 19.99 -0.48
CA PHE B 280 -22.06 18.53 -0.56
C PHE B 280 -23.33 18.03 -1.24
N PRO B 281 -23.18 17.06 -2.16
CA PRO B 281 -24.34 16.33 -2.66
C PRO B 281 -24.93 15.47 -1.54
N VAL B 282 -26.24 15.55 -1.37
CA VAL B 282 -26.92 14.77 -0.33
C VAL B 282 -28.15 14.09 -0.91
N TYR B 283 -28.61 13.05 -0.24
CA TYR B 283 -29.87 12.42 -0.61
C TYR B 283 -30.38 11.50 0.49
N GLY B 284 -31.54 10.89 0.26
CA GLY B 284 -32.24 10.19 1.30
C GLY B 284 -33.72 10.12 0.97
N GLY B 285 -34.54 10.06 2.00
CA GLY B 285 -35.98 10.13 1.81
C GLY B 285 -36.61 10.85 2.98
N LEU B 286 -37.80 11.39 2.75
CA LEU B 286 -38.42 12.30 3.72
C LEU B 286 -39.82 11.86 4.13
N LYS B 287 -40.23 12.27 5.31
CA LYS B 287 -41.50 11.83 5.89
C LYS B 287 -42.68 12.16 4.99
N PRO B 288 -43.55 11.17 4.73
CA PRO B 288 -44.80 11.38 3.99
C PRO B 288 -45.65 12.44 4.67
N SER B 289 -46.19 13.36 3.89
CA SER B 289 -46.91 14.52 4.43
C SER B 289 -46.01 15.32 5.36
N SER B 290 -44.94 15.88 4.79
CA SER B 290 -44.05 16.77 5.51
C SER B 290 -43.89 18.05 4.69
N PRO B 291 -43.57 19.17 5.36
CA PRO B 291 -43.41 20.43 4.64
C PRO B 291 -42.53 20.26 3.42
N SER B 292 -41.45 19.49 3.57
CA SER B 292 -40.52 19.25 2.47
C SER B 292 -41.05 18.19 1.51
N ASP B 293 -42.03 17.42 1.96
CA ASP B 293 -42.60 16.37 1.14
C ASP B 293 -43.61 16.92 0.14
N THR B 294 -44.74 17.39 0.66
CA THR B 294 -45.83 17.87 -0.19
C THR B 294 -45.34 18.83 -1.26
N ALA B 295 -44.40 19.70 -0.87
CA ALA B 295 -43.84 20.67 -1.80
C ALA B 295 -43.25 19.98 -3.02
N GLN B 296 -42.89 18.71 -2.87
CA GLN B 296 -42.28 17.98 -3.97
C GLN B 296 -43.28 17.13 -4.76
N GLU B 297 -44.54 17.14 -4.35
CA GLU B 297 -45.59 16.47 -5.11
C GLU B 297 -46.15 17.39 -6.18
N GLY B 298 -46.55 16.82 -7.32
CA GLY B 298 -47.06 17.60 -8.43
C GLY B 298 -45.96 18.37 -9.16
N ARG B 299 -44.71 18.03 -8.88
CA ARG B 299 -43.58 18.64 -9.56
C ARG B 299 -42.64 17.53 -10.03
N TYR B 300 -42.07 17.70 -11.22
CA TYR B 300 -41.53 16.57 -11.97
C TYR B 300 -40.79 17.02 -13.22
N VAL B 301 -40.01 16.10 -13.79
CA VAL B 301 -39.37 16.31 -15.07
C VAL B 301 -39.24 14.98 -15.79
N ILE B 302 -39.42 14.99 -17.11
CA ILE B 302 -39.25 13.77 -17.90
C ILE B 302 -38.26 14.01 -19.03
N TYR B 303 -37.12 13.34 -18.95
CA TYR B 303 -36.06 13.49 -19.94
C TYR B 303 -36.06 12.31 -20.91
N LYS B 304 -35.75 12.60 -22.17
CA LYS B 304 -35.79 11.58 -23.22
C LYS B 304 -34.46 11.54 -23.95
N ARG B 305 -34.24 10.50 -24.75
CA ARG B 305 -32.95 10.32 -25.41
C ARG B 305 -32.91 10.91 -26.81
N TYR B 306 -31.72 10.87 -27.41
CA TYR B 306 -31.45 11.55 -28.68
C TYR B 306 -32.33 11.11 -29.86
N ASN B 307 -32.09 9.91 -30.36
CA ASN B 307 -32.75 9.45 -31.59
C ASN B 307 -34.02 8.64 -31.34
N ASP B 308 -34.27 8.29 -30.07
CA ASP B 308 -35.42 7.46 -29.72
C ASP B 308 -36.49 8.27 -29.01
N THR B 309 -37.75 7.91 -29.24
CA THR B 309 -38.87 8.58 -28.59
C THR B 309 -39.90 7.56 -28.07
N CYS B 310 -40.23 7.69 -26.79
CA CYS B 310 -41.05 6.69 -26.09
C CYS B 310 -42.41 6.47 -26.75
N PRO B 311 -42.80 5.19 -26.89
CA PRO B 311 -44.13 4.74 -27.33
C PRO B 311 -45.24 5.04 -26.32
N ASP B 312 -44.90 5.03 -25.04
CA ASP B 312 -45.90 5.14 -23.97
C ASP B 312 -46.76 6.40 -24.06
N GLU B 313 -48.03 6.26 -23.68
CA GLU B 313 -48.95 7.38 -23.60
C GLU B 313 -48.49 8.32 -22.49
N GLN B 314 -48.91 9.58 -22.58
CA GLN B 314 -48.55 10.56 -21.57
C GLN B 314 -49.33 10.34 -20.28
N ASP B 315 -50.59 9.95 -20.41
CA ASP B 315 -51.38 9.56 -19.23
C ASP B 315 -50.84 8.26 -18.67
N TYR B 316 -49.92 7.64 -19.40
CA TYR B 316 -49.19 6.46 -18.97
C TYR B 316 -47.85 6.92 -18.40
N GLN B 317 -47.04 7.54 -19.26
CA GLN B 317 -45.75 8.11 -18.86
C GLN B 317 -45.83 9.00 -17.61
N ILE B 318 -46.56 10.11 -17.72
CA ILE B 318 -46.65 11.07 -16.63
C ILE B 318 -47.02 10.40 -15.30
N ARG B 319 -47.80 9.33 -15.37
CA ARG B 319 -48.20 8.58 -14.19
C ARG B 319 -47.04 7.78 -13.58
N MET B 320 -46.04 7.46 -14.40
CA MET B 320 -44.85 6.75 -13.95
C MET B 320 -43.84 7.70 -13.38
N ALA B 321 -43.38 8.61 -14.24
CA ALA B 321 -42.39 9.59 -13.84
C ALA B 321 -42.89 10.15 -12.52
N LYS B 322 -44.21 10.17 -12.37
CA LYS B 322 -44.82 10.40 -11.07
C LYS B 322 -44.42 9.29 -10.10
N SER B 323 -44.65 8.04 -10.51
CA SER B 323 -44.42 6.87 -9.66
C SER B 323 -42.95 6.65 -9.33
N SER B 324 -42.06 7.38 -10.01
CA SER B 324 -40.62 7.15 -9.86
C SER B 324 -40.07 7.71 -8.56
N TYR B 325 -40.47 8.92 -8.21
CA TYR B 325 -39.88 9.63 -7.08
C TYR B 325 -40.11 8.94 -5.73
N LYS B 326 -41.00 7.97 -5.70
CA LYS B 326 -41.24 7.18 -4.50
C LYS B 326 -41.21 5.70 -4.86
N PRO B 327 -40.03 5.22 -5.30
CA PRO B 327 -39.86 3.87 -5.86
C PRO B 327 -40.32 2.77 -4.91
N GLY B 328 -40.75 1.65 -5.48
CA GLY B 328 -41.32 0.55 -4.72
C GLY B 328 -40.34 -0.06 -3.73
N ARG B 329 -39.09 -0.27 -4.16
CA ARG B 329 -38.14 -1.01 -3.35
C ARG B 329 -38.16 -0.51 -1.90
N PHE B 330 -38.26 0.80 -1.74
CA PHE B 330 -38.17 1.38 -0.40
C PHE B 330 -39.48 1.76 0.32
N GLY B 331 -40.60 1.36 -0.26
CA GLY B 331 -41.86 1.31 0.46
C GLY B 331 -42.84 2.45 0.24
N GLY B 332 -42.55 3.32 -0.72
CA GLY B 332 -43.45 4.41 -1.05
C GLY B 332 -42.97 5.75 -0.54
N LYS B 333 -41.90 5.74 0.26
CA LYS B 333 -41.32 7.00 0.72
C LYS B 333 -40.65 7.70 -0.46
N ARG B 334 -40.74 9.02 -0.51
CA ARG B 334 -40.17 9.78 -1.61
C ARG B 334 -38.68 10.03 -1.40
N VAL B 335 -37.88 9.82 -2.45
CA VAL B 335 -36.44 10.07 -2.38
C VAL B 335 -36.07 11.31 -3.19
N GLN B 336 -35.72 12.38 -2.48
CA GLN B 336 -35.42 13.65 -3.14
C GLN B 336 -33.92 13.98 -3.09
N GLN B 337 -33.37 14.41 -4.21
CA GLN B 337 -31.98 14.84 -4.24
C GLN B 337 -31.86 16.13 -3.43
N ALA B 338 -30.66 16.42 -2.94
CA ALA B 338 -30.44 17.61 -2.12
C ALA B 338 -28.97 18.04 -2.11
N ILE B 339 -28.74 19.28 -1.70
CA ILE B 339 -27.38 19.79 -1.54
C ILE B 339 -27.27 20.56 -0.22
N LEU B 340 -26.25 20.23 0.57
CA LEU B 340 -26.01 20.91 1.85
C LEU B 340 -24.82 21.86 1.74
N SER B 341 -24.91 22.98 2.45
CA SER B 341 -23.85 23.99 2.39
C SER B 341 -23.42 24.46 3.78
N ILE B 342 -22.16 24.20 4.11
CA ILE B 342 -21.59 24.64 5.37
C ILE B 342 -20.48 25.66 5.12
N LYS B 343 -20.26 26.54 6.09
CA LYS B 343 -19.20 27.53 5.98
C LYS B 343 -17.86 26.94 6.40
N VAL B 344 -16.82 27.14 5.60
CA VAL B 344 -15.50 26.68 5.98
C VAL B 344 -14.89 27.69 6.94
N SER B 345 -14.62 27.22 8.16
CA SER B 345 -14.07 28.08 9.21
C SER B 345 -13.40 27.20 10.26
N THR B 346 -12.59 27.81 11.12
CA THR B 346 -11.92 27.07 12.18
C THR B 346 -12.95 26.34 13.02
N SER B 347 -14.20 26.82 12.96
CA SER B 347 -15.31 26.14 13.61
C SER B 347 -16.01 25.24 12.60
N LEU B 348 -15.90 23.92 12.82
CA LEU B 348 -16.51 22.94 11.93
C LEU B 348 -18.01 22.82 12.18
N GLY B 349 -18.75 22.52 11.12
CA GLY B 349 -20.19 22.38 11.21
C GLY B 349 -20.88 23.72 11.42
N GLU B 350 -20.33 24.76 10.79
CA GLU B 350 -20.87 26.11 10.95
C GLU B 350 -21.91 26.48 9.89
N ASP B 351 -23.05 26.98 10.37
CA ASP B 351 -24.08 27.55 9.49
C ASP B 351 -24.52 26.62 8.36
N PRO B 352 -25.06 25.44 8.72
CA PRO B 352 -25.61 24.54 7.71
C PRO B 352 -26.88 25.11 7.07
N VAL B 353 -26.95 25.05 5.74
CA VAL B 353 -28.17 25.38 5.00
C VAL B 353 -28.44 24.33 3.94
N LEU B 354 -29.54 23.60 4.09
CA LEU B 354 -29.86 22.52 3.16
C LEU B 354 -30.80 23.00 2.05
N THR B 355 -30.38 22.81 0.80
CA THR B 355 -31.19 23.24 -0.33
C THR B 355 -31.80 22.07 -1.08
N ILE B 356 -33.11 21.90 -0.95
CA ILE B 356 -33.84 20.90 -1.72
C ILE B 356 -34.44 21.57 -2.95
N PRO B 357 -33.91 21.26 -4.14
CA PRO B 357 -34.43 21.91 -5.34
C PRO B 357 -35.83 21.41 -5.67
N PRO B 358 -36.48 21.99 -6.68
CA PRO B 358 -37.78 21.47 -7.11
C PRO B 358 -37.56 20.23 -7.94
N ASN B 359 -38.50 19.29 -7.90
CA ASN B 359 -38.38 18.09 -8.72
C ASN B 359 -38.86 18.36 -10.14
N THR B 360 -39.33 19.59 -10.36
CA THR B 360 -39.64 20.05 -11.70
C THR B 360 -38.37 19.97 -12.54
N VAL B 361 -37.24 20.37 -11.94
CA VAL B 361 -35.96 20.33 -12.63
C VAL B 361 -35.14 19.07 -12.39
N THR B 362 -35.56 18.23 -11.43
CA THR B 362 -34.69 17.16 -10.97
C THR B 362 -35.38 15.81 -10.74
N LEU B 363 -34.65 14.74 -11.01
CA LEU B 363 -35.16 13.37 -10.91
C LEU B 363 -34.99 12.80 -9.50
N MET B 364 -35.22 11.50 -9.37
CA MET B 364 -35.05 10.79 -8.11
C MET B 364 -33.66 11.03 -7.55
N GLY B 365 -33.61 11.39 -6.27
CA GLY B 365 -32.34 11.66 -5.62
C GLY B 365 -31.42 10.45 -5.58
N ALA B 366 -30.17 10.65 -5.99
CA ALA B 366 -29.20 9.58 -5.97
C ALA B 366 -27.87 10.12 -5.48
N GLU B 367 -26.84 9.27 -5.51
CA GLU B 367 -25.49 9.72 -5.22
C GLU B 367 -24.96 10.56 -6.39
N GLY B 368 -24.05 11.49 -6.09
CA GLY B 368 -23.50 12.34 -7.11
C GLY B 368 -22.45 13.27 -6.56
N ARG B 369 -21.83 14.07 -7.44
CA ARG B 369 -20.79 14.99 -7.04
C ARG B 369 -21.16 16.43 -7.38
N VAL B 370 -20.49 17.38 -6.74
CA VAL B 370 -20.62 18.77 -7.11
C VAL B 370 -19.27 19.28 -7.61
N LEU B 371 -19.26 19.94 -8.76
CA LEU B 371 -18.01 20.34 -9.39
C LEU B 371 -17.98 21.83 -9.67
N THR B 372 -16.83 22.45 -9.44
CA THR B 372 -16.56 23.79 -9.97
C THR B 372 -15.36 23.74 -10.93
N VAL B 373 -15.64 23.94 -12.21
CA VAL B 373 -14.59 24.13 -13.21
C VAL B 373 -14.53 25.60 -13.62
N GLY B 374 -13.41 26.25 -13.36
CA GLY B 374 -13.33 27.67 -13.62
C GLY B 374 -14.46 28.39 -12.93
N THR B 375 -15.27 29.10 -13.70
CA THR B 375 -16.39 29.85 -13.17
C THR B 375 -17.69 29.05 -13.16
N SER B 376 -17.66 27.86 -13.74
CA SER B 376 -18.89 27.07 -13.91
C SER B 376 -19.07 25.97 -12.87
N HIS B 377 -20.26 25.91 -12.27
CA HIS B 377 -20.56 24.91 -11.26
C HIS B 377 -21.59 23.89 -11.74
N PHE B 378 -21.50 22.66 -11.24
CA PHE B 378 -22.40 21.60 -11.65
C PHE B 378 -22.65 20.55 -10.57
N LEU B 379 -23.80 19.90 -10.65
CA LEU B 379 -24.05 18.69 -9.86
C LEU B 379 -24.28 17.50 -10.77
N TYR B 380 -23.43 16.49 -10.65
CA TYR B 380 -23.66 15.22 -11.32
C TYR B 380 -24.59 14.37 -10.47
N GLN B 381 -25.50 13.66 -11.13
CA GLN B 381 -26.41 12.76 -10.42
C GLN B 381 -26.33 11.35 -11.00
N ARG B 382 -26.22 10.37 -10.12
CA ARG B 382 -26.18 8.97 -10.56
C ARG B 382 -27.44 8.63 -11.33
N GLY B 383 -27.31 7.71 -12.27
CA GLY B 383 -28.39 7.33 -13.15
C GLY B 383 -29.36 6.35 -12.52
N SER B 384 -29.38 6.31 -11.20
CA SER B 384 -30.15 5.32 -10.46
C SER B 384 -31.62 5.20 -10.88
N SER B 385 -32.17 6.27 -11.46
CA SER B 385 -33.57 6.23 -11.89
C SER B 385 -33.72 5.75 -13.34
N TYR B 386 -34.92 5.88 -13.88
CA TYR B 386 -35.25 5.37 -15.20
C TYR B 386 -34.32 5.85 -16.33
N PHE B 387 -33.68 6.99 -16.13
CA PHE B 387 -32.87 7.60 -17.18
C PHE B 387 -31.37 7.40 -16.96
N SER B 388 -30.76 6.54 -17.78
CA SER B 388 -29.35 6.19 -17.65
C SER B 388 -28.34 7.30 -18.01
N PRO B 389 -28.48 7.91 -19.21
CA PRO B 389 -27.43 8.77 -19.75
C PRO B 389 -26.88 9.80 -18.77
N ALA B 390 -25.58 10.07 -18.87
CA ALA B 390 -24.86 10.90 -17.92
C ALA B 390 -25.56 12.22 -17.67
N LEU B 391 -25.59 12.63 -16.40
CA LEU B 391 -26.36 13.80 -15.99
C LEU B 391 -25.52 14.84 -15.28
N LEU B 392 -25.53 16.07 -15.80
CA LEU B 392 -24.86 17.19 -15.18
C LEU B 392 -25.75 18.43 -15.17
N TYR B 393 -26.05 18.93 -13.98
CA TYR B 393 -26.88 20.10 -13.82
C TYR B 393 -26.04 21.34 -13.56
N PRO B 394 -26.13 22.33 -14.44
CA PRO B 394 -25.53 23.61 -14.07
C PRO B 394 -26.21 24.15 -12.83
N MET B 395 -25.43 24.51 -11.81
CA MET B 395 -25.98 25.01 -10.55
C MET B 395 -25.51 26.41 -10.25
N THR B 396 -26.27 27.13 -9.43
CA THR B 396 -25.95 28.52 -9.11
C THR B 396 -26.05 28.75 -7.61
N VAL B 397 -25.29 29.73 -7.12
CA VAL B 397 -25.33 30.08 -5.72
C VAL B 397 -26.20 31.32 -5.52
N ASN B 398 -27.19 31.20 -4.65
CA ASN B 398 -27.83 32.39 -4.12
C ASN B 398 -27.48 32.44 -2.64
N ASN B 399 -26.57 33.33 -2.29
CA ASN B 399 -26.09 33.40 -0.92
C ASN B 399 -25.74 32.01 -0.39
N ASN B 400 -26.44 31.59 0.66
CA ASN B 400 -26.23 30.26 1.25
C ASN B 400 -27.11 29.18 0.63
N THR B 401 -27.85 29.53 -0.42
CA THR B 401 -28.75 28.57 -1.08
C THR B 401 -28.27 28.22 -2.49
N ALA B 402 -28.98 27.32 -3.16
CA ALA B 402 -28.56 26.83 -4.47
C ALA B 402 -29.74 26.47 -5.37
N THR B 403 -29.55 26.63 -6.67
CA THR B 403 -30.60 26.33 -7.66
C THR B 403 -30.03 25.63 -8.89
N LEU B 404 -30.64 24.51 -9.27
CA LEU B 404 -30.20 23.74 -10.43
C LEU B 404 -30.97 24.11 -11.68
N HIS B 405 -30.29 24.10 -12.82
CA HIS B 405 -30.92 24.45 -14.09
C HIS B 405 -30.97 23.23 -15.00
N SER B 406 -31.48 23.42 -16.21
CA SER B 406 -31.61 22.31 -17.15
C SER B 406 -30.27 21.60 -17.32
N PRO B 407 -30.25 20.28 -17.05
CA PRO B 407 -29.05 19.46 -17.07
C PRO B 407 -28.57 19.11 -18.47
N TYR B 408 -27.27 18.89 -18.62
CA TYR B 408 -26.72 18.43 -19.89
C TYR B 408 -26.94 16.93 -20.00
N THR B 409 -27.19 16.46 -21.22
CA THR B 409 -27.37 15.03 -21.45
C THR B 409 -26.23 14.47 -22.27
N PHE B 410 -25.75 13.30 -21.89
CA PHE B 410 -24.74 12.60 -22.68
C PHE B 410 -25.19 11.17 -22.92
N ASN B 411 -25.50 10.84 -24.17
CA ASN B 411 -25.75 9.45 -24.51
C ASN B 411 -24.43 8.72 -24.63
N ALA B 412 -24.50 7.42 -24.90
CA ALA B 412 -23.30 6.60 -25.05
C ALA B 412 -22.56 6.50 -23.74
N PHE B 413 -22.92 7.36 -22.78
CA PHE B 413 -22.41 7.25 -21.42
C PHE B 413 -23.60 6.84 -20.57
N THR B 414 -23.63 5.57 -20.20
CA THR B 414 -24.83 4.99 -19.65
C THR B 414 -24.57 4.07 -18.47
N ARG B 415 -25.19 4.35 -17.34
CA ARG B 415 -25.21 3.40 -16.24
C ARG B 415 -26.07 2.24 -16.73
N PRO B 416 -25.53 1.01 -16.67
CA PRO B 416 -26.34 -0.15 -17.01
C PRO B 416 -27.38 -0.33 -15.92
N GLY B 417 -28.56 -0.84 -16.27
CA GLY B 417 -29.63 -0.93 -15.30
C GLY B 417 -30.54 -2.12 -15.49
N SER B 418 -31.37 -2.37 -14.48
CA SER B 418 -32.38 -3.40 -14.55
C SER B 418 -33.53 -2.92 -15.43
N VAL B 419 -34.27 -3.87 -15.97
CA VAL B 419 -35.31 -3.55 -16.93
C VAL B 419 -36.58 -3.01 -16.28
N PRO B 420 -37.35 -2.19 -17.02
CA PRO B 420 -36.89 -1.59 -18.28
C PRO B 420 -36.23 -0.24 -18.03
N CYS B 421 -35.31 -0.18 -17.08
CA CYS B 421 -34.52 1.01 -16.83
C CYS B 421 -33.13 0.91 -17.46
N GLN B 422 -32.90 -0.15 -18.23
CA GLN B 422 -31.53 -0.52 -18.57
C GLN B 422 -30.90 0.52 -19.48
N ALA B 423 -29.64 0.29 -19.85
CA ALA B 423 -28.81 1.31 -20.46
C ALA B 423 -29.49 2.02 -21.61
N SER B 424 -30.32 1.29 -22.35
CA SER B 424 -30.92 1.83 -23.57
C SER B 424 -32.32 2.41 -23.39
N ALA B 425 -32.82 2.42 -22.15
CA ALA B 425 -34.23 2.76 -21.90
C ALA B 425 -34.64 4.13 -22.43
N ARG B 426 -35.66 4.13 -23.29
CA ARG B 426 -36.28 5.37 -23.76
C ARG B 426 -37.32 5.91 -22.78
N CYS B 427 -38.17 5.01 -22.30
CA CYS B 427 -39.35 5.39 -21.53
C CYS B 427 -39.12 5.48 -20.03
N PRO B 428 -39.83 6.42 -19.37
CA PRO B 428 -39.82 6.64 -17.93
C PRO B 428 -40.49 5.51 -17.15
N ASN B 429 -39.86 5.08 -16.06
CA ASN B 429 -40.41 4.05 -15.19
C ASN B 429 -39.87 4.18 -13.77
N SER B 430 -40.52 3.52 -12.82
CA SER B 430 -40.04 3.53 -11.44
C SER B 430 -39.13 2.35 -11.17
N CYS B 431 -37.88 2.65 -10.84
CA CYS B 431 -36.90 1.63 -10.53
C CYS B 431 -35.79 2.21 -9.67
N VAL B 432 -35.10 1.36 -8.92
CA VAL B 432 -33.82 1.75 -8.38
C VAL B 432 -32.76 0.70 -8.72
N THR B 433 -31.90 1.06 -9.65
CA THR B 433 -30.69 0.31 -9.95
C THR B 433 -29.83 1.26 -10.76
N GLY B 434 -28.53 1.02 -10.80
CA GLY B 434 -27.64 1.88 -11.54
C GLY B 434 -26.28 1.97 -10.88
N VAL B 435 -25.45 2.87 -11.38
CA VAL B 435 -24.09 3.01 -10.88
C VAL B 435 -23.56 4.44 -10.98
N TYR B 436 -22.66 4.78 -10.07
CA TYR B 436 -22.06 6.11 -10.02
C TYR B 436 -20.87 6.22 -10.97
N THR B 437 -20.98 7.10 -11.95
CA THR B 437 -19.88 7.33 -12.89
C THR B 437 -19.65 8.82 -13.16
N ASP B 438 -18.46 9.31 -12.81
CA ASP B 438 -18.14 10.74 -12.94
C ASP B 438 -17.80 11.15 -14.37
N PRO B 439 -18.60 12.07 -14.92
CA PRO B 439 -18.50 12.76 -16.20
C PRO B 439 -17.76 14.10 -16.08
N TYR B 440 -16.43 14.13 -16.10
CA TYR B 440 -15.72 15.41 -15.98
C TYR B 440 -15.85 16.28 -17.21
N PRO B 441 -16.35 17.50 -17.02
CA PRO B 441 -16.57 18.45 -18.12
C PRO B 441 -15.25 18.83 -18.77
N LEU B 442 -15.18 18.76 -20.09
CA LEU B 442 -13.93 18.99 -20.78
C LEU B 442 -13.99 20.08 -21.86
N VAL B 443 -14.59 19.76 -23.00
CA VAL B 443 -14.60 20.65 -24.16
C VAL B 443 -15.59 21.81 -24.00
N PHE B 444 -15.15 23.02 -24.36
CA PHE B 444 -15.96 24.22 -24.18
C PHE B 444 -16.09 25.08 -25.43
N HIS B 445 -17.28 25.63 -25.63
CA HIS B 445 -17.47 26.72 -26.58
C HIS B 445 -17.00 28.00 -25.89
N ARG B 446 -16.57 28.99 -26.67
CA ARG B 446 -16.30 30.30 -26.11
C ARG B 446 -17.58 30.83 -25.48
N ASN B 447 -18.70 30.31 -25.95
CA ASN B 447 -19.99 30.49 -25.29
C ASN B 447 -19.83 30.14 -23.83
N HIS B 448 -18.98 29.15 -23.57
CA HIS B 448 -18.75 28.58 -22.25
C HIS B 448 -19.76 27.51 -21.87
N THR B 449 -20.69 27.22 -22.77
CA THR B 449 -21.52 26.03 -22.60
C THR B 449 -20.61 24.82 -22.84
N LEU B 450 -21.16 23.61 -22.68
CA LEU B 450 -20.33 22.41 -22.59
C LEU B 450 -20.40 21.51 -23.82
N ARG B 451 -19.30 21.43 -24.56
CA ARG B 451 -19.23 20.59 -25.74
C ARG B 451 -19.16 19.10 -25.41
N GLY B 452 -18.22 18.72 -24.55
CA GLY B 452 -18.06 17.33 -24.18
C GLY B 452 -17.46 17.11 -22.81
N VAL B 453 -17.61 15.89 -22.30
CA VAL B 453 -17.10 15.54 -20.98
C VAL B 453 -16.35 14.20 -21.01
N PHE B 454 -15.45 14.01 -20.06
CA PHE B 454 -14.72 12.75 -19.98
C PHE B 454 -14.88 12.00 -18.66
N GLY B 455 -15.16 10.70 -18.77
CA GLY B 455 -15.22 9.84 -17.60
C GLY B 455 -15.16 8.39 -18.03
N THR B 456 -14.99 7.49 -17.06
CA THR B 456 -15.03 6.06 -17.33
C THR B 456 -16.43 5.53 -17.08
N MET B 457 -16.97 4.82 -18.06
CA MET B 457 -18.33 4.28 -17.97
C MET B 457 -18.27 2.76 -17.88
N LEU B 458 -19.42 2.14 -17.70
CA LEU B 458 -19.51 0.69 -17.70
C LEU B 458 -20.27 0.23 -18.93
N ASP B 459 -19.58 -0.45 -19.83
CA ASP B 459 -20.18 -0.79 -21.11
C ASP B 459 -20.88 -2.11 -20.96
N ASP B 460 -22.21 -2.04 -20.97
CA ASP B 460 -23.06 -3.20 -20.79
C ASP B 460 -24.49 -2.70 -20.77
N GLU B 461 -25.43 -3.60 -21.03
CA GLU B 461 -26.84 -3.25 -21.04
C GLU B 461 -27.42 -3.23 -19.63
N GLN B 462 -27.04 -4.22 -18.83
CA GLN B 462 -27.67 -4.46 -17.54
C GLN B 462 -26.68 -4.55 -16.38
N ALA B 463 -25.79 -5.53 -16.45
CA ALA B 463 -24.84 -5.81 -15.38
C ALA B 463 -23.83 -4.68 -15.19
N ARG B 464 -23.16 -4.67 -14.04
CA ARG B 464 -22.13 -3.68 -13.83
C ARG B 464 -20.82 -4.37 -14.15
N LEU B 465 -20.28 -4.06 -15.33
CA LEU B 465 -19.17 -4.79 -15.90
C LEU B 465 -18.47 -3.94 -16.96
N ASN B 466 -17.24 -4.32 -17.30
CA ASN B 466 -16.51 -3.74 -18.41
C ASN B 466 -16.34 -2.23 -18.40
N LEU B 467 -15.60 -1.72 -17.42
CA LEU B 467 -15.34 -0.29 -17.37
C LEU B 467 -14.50 0.18 -18.57
N VAL B 468 -14.90 1.30 -19.17
CA VAL B 468 -14.13 1.86 -20.29
C VAL B 468 -14.05 3.39 -20.20
N SER B 469 -12.87 3.92 -20.53
CA SER B 469 -12.65 5.37 -20.47
C SER B 469 -12.76 5.99 -21.86
N ALA B 470 -13.42 7.14 -21.94
CA ALA B 470 -13.48 7.90 -23.17
C ALA B 470 -14.06 9.29 -22.96
N VAL B 471 -14.11 10.09 -24.02
CA VAL B 471 -14.77 11.38 -24.01
C VAL B 471 -16.08 11.26 -24.78
N PHE B 472 -17.09 12.01 -24.36
CA PHE B 472 -18.42 11.86 -24.93
C PHE B 472 -19.02 13.17 -25.46
N ASP B 473 -20.01 13.02 -26.33
CA ASP B 473 -20.66 14.12 -27.01
C ASP B 473 -22.11 14.10 -26.60
N ASN B 474 -22.83 15.19 -26.85
CA ASN B 474 -24.26 15.20 -26.60
C ASN B 474 -24.83 13.92 -27.19
N ILE B 475 -24.22 13.45 -28.27
CA ILE B 475 -24.61 12.21 -28.93
C ILE B 475 -23.55 11.10 -28.86
N SER B 476 -22.40 11.35 -29.47
CA SER B 476 -21.41 10.31 -29.75
C SER B 476 -20.44 9.98 -28.60
N ARG B 477 -19.53 9.05 -28.87
CA ARG B 477 -18.45 8.70 -27.96
C ARG B 477 -17.16 8.53 -28.76
N SER B 478 -16.02 8.72 -28.10
CA SER B 478 -14.73 8.71 -28.77
C SER B 478 -14.20 7.31 -29.00
N ARG B 479 -12.93 7.20 -29.38
CA ARG B 479 -12.25 5.93 -29.33
C ARG B 479 -12.07 5.73 -27.84
N ILE B 480 -11.54 4.58 -27.43
CA ILE B 480 -11.51 4.30 -25.99
C ILE B 480 -10.31 3.53 -25.49
N THR B 481 -10.27 3.37 -24.18
CA THR B 481 -9.30 2.52 -23.52
C THR B 481 -10.02 1.66 -22.47
N ARG B 482 -9.98 0.36 -22.67
CA ARG B 482 -10.68 -0.57 -21.79
C ARG B 482 -9.79 -0.91 -20.60
N VAL B 483 -10.39 -1.02 -19.43
CA VAL B 483 -9.62 -1.23 -18.22
C VAL B 483 -9.09 -2.66 -18.17
N SER B 484 -9.86 -3.59 -18.71
CA SER B 484 -9.41 -4.97 -18.81
C SER B 484 -10.09 -5.70 -19.95
N SER B 485 -9.39 -6.68 -20.51
CA SER B 485 -9.95 -7.48 -21.58
C SER B 485 -10.62 -8.73 -21.02
N SER B 486 -10.50 -8.92 -19.71
CA SER B 486 -11.19 -10.03 -19.05
C SER B 486 -12.44 -9.51 -18.36
N ARG B 487 -13.21 -10.41 -17.76
CA ARG B 487 -14.42 -10.01 -17.04
C ARG B 487 -14.01 -9.12 -15.89
N THR B 488 -14.61 -7.93 -15.81
CA THR B 488 -14.23 -6.96 -14.78
C THR B 488 -15.44 -6.31 -14.14
N LYS B 489 -15.56 -6.48 -12.82
CA LYS B 489 -16.68 -5.89 -12.09
C LYS B 489 -16.33 -4.51 -11.53
N ALA B 490 -17.29 -3.60 -11.63
CA ALA B 490 -17.08 -2.24 -11.14
C ALA B 490 -18.22 -1.75 -10.24
N ALA B 491 -17.90 -0.72 -9.48
CA ALA B 491 -18.87 -0.08 -8.59
C ALA B 491 -18.88 1.40 -8.91
N TYR B 492 -17.73 2.04 -8.73
CA TYR B 492 -17.63 3.48 -8.94
C TYR B 492 -16.48 3.86 -9.88
N THR B 493 -16.69 4.94 -10.62
CA THR B 493 -15.62 5.64 -11.32
C THR B 493 -15.87 7.11 -11.05
N THR B 494 -14.88 7.80 -10.49
CA THR B 494 -14.97 9.23 -10.29
C THR B 494 -13.74 9.93 -10.89
N SER B 495 -14.00 10.81 -11.85
CA SER B 495 -12.93 11.41 -12.63
C SER B 495 -12.73 12.90 -12.37
N THR B 496 -11.47 13.33 -12.40
CA THR B 496 -11.11 14.75 -12.31
C THR B 496 -9.97 14.99 -13.29
N CYS B 497 -10.08 16.02 -14.12
CA CYS B 497 -9.06 16.30 -15.13
C CYS B 497 -8.30 17.59 -14.86
N PHE B 498 -7.02 17.58 -15.19
CA PHE B 498 -6.12 18.68 -14.93
C PHE B 498 -5.10 18.73 -16.06
N LYS B 499 -4.51 19.91 -16.27
CA LYS B 499 -3.45 20.03 -17.25
C LYS B 499 -2.16 20.43 -16.57
N VAL B 500 -1.03 20.02 -17.15
CA VAL B 500 0.27 20.56 -16.76
C VAL B 500 0.58 21.73 -17.67
N VAL B 501 0.97 22.88 -17.11
CA VAL B 501 1.31 24.04 -17.94
C VAL B 501 2.68 23.93 -18.60
N LYS B 502 3.73 23.81 -17.79
CA LYS B 502 5.10 23.86 -18.28
C LYS B 502 5.29 22.99 -19.53
N THR B 503 4.83 21.74 -19.47
CA THR B 503 4.86 20.87 -20.64
C THR B 503 3.67 21.10 -21.59
N ASN B 504 2.55 21.55 -21.03
CA ASN B 504 1.30 21.66 -21.77
C ASN B 504 0.86 20.32 -22.36
N LYS B 505 0.53 19.37 -21.48
CA LYS B 505 -0.15 18.15 -21.85
C LYS B 505 -1.30 17.97 -20.87
N THR B 506 -2.43 17.48 -21.36
CA THR B 506 -3.60 17.29 -20.50
C THR B 506 -3.78 15.84 -20.08
N TYR B 507 -3.92 15.63 -18.77
CA TYR B 507 -4.16 14.30 -18.24
C TYR B 507 -5.45 14.29 -17.42
N CYS B 508 -6.07 13.12 -17.32
CA CYS B 508 -7.27 12.98 -16.50
C CYS B 508 -7.17 11.79 -15.55
N LEU B 509 -7.39 12.05 -14.27
CA LEU B 509 -7.44 10.99 -13.28
C LEU B 509 -8.86 10.49 -13.13
N SER B 510 -9.07 9.20 -13.41
CA SER B 510 -10.36 8.62 -13.16
C SER B 510 -10.19 7.51 -12.14
N ILE B 511 -10.69 7.75 -10.93
CA ILE B 511 -10.61 6.74 -9.87
C ILE B 511 -11.77 5.77 -10.04
N ALA B 512 -11.45 4.48 -10.05
CA ALA B 512 -12.45 3.45 -10.23
C ALA B 512 -12.36 2.40 -9.14
N GLU B 513 -13.49 1.79 -8.81
CA GLU B 513 -13.50 0.69 -7.86
C GLU B 513 -13.71 -0.59 -8.65
N ILE B 514 -12.66 -1.39 -8.77
CA ILE B 514 -12.69 -2.53 -9.68
C ILE B 514 -12.57 -3.85 -8.94
N SER B 515 -13.08 -4.91 -9.58
CA SER B 515 -12.93 -6.26 -9.09
C SER B 515 -12.39 -7.07 -10.25
N ASN B 516 -11.18 -7.56 -10.11
CA ASN B 516 -10.56 -8.32 -11.19
C ASN B 516 -9.70 -9.48 -10.73
N THR B 517 -9.21 -10.26 -11.69
CA THR B 517 -8.30 -11.35 -11.40
C THR B 517 -6.88 -10.82 -11.25
N LEU B 518 -6.54 -9.82 -12.07
CA LEU B 518 -5.23 -9.20 -12.01
C LEU B 518 -5.13 -8.19 -10.87
N PHE B 519 -6.16 -7.35 -10.73
CA PHE B 519 -6.14 -6.31 -9.72
C PHE B 519 -6.46 -6.87 -8.33
N GLY B 520 -7.24 -7.94 -8.29
CA GLY B 520 -7.77 -8.44 -7.04
C GLY B 520 -9.26 -8.12 -6.89
N GLU B 521 -9.81 -8.36 -5.71
CA GLU B 521 -11.27 -8.37 -5.56
C GLU B 521 -11.89 -6.98 -5.40
N PHE B 522 -11.77 -6.36 -4.24
CA PHE B 522 -12.30 -5.01 -4.10
C PHE B 522 -11.13 -4.05 -4.04
N ARG B 523 -10.93 -3.33 -5.14
CA ARG B 523 -9.70 -2.58 -5.33
C ARG B 523 -9.98 -1.24 -6.00
N ILE B 524 -9.48 -0.17 -5.40
CA ILE B 524 -9.65 1.17 -5.96
C ILE B 524 -8.38 1.63 -6.67
N VAL B 525 -8.47 1.76 -8.00
CA VAL B 525 -7.29 2.02 -8.81
C VAL B 525 -7.28 3.40 -9.48
N PRO B 526 -6.31 4.24 -9.11
CA PRO B 526 -6.20 5.58 -9.66
C PRO B 526 -5.70 5.56 -11.10
N LEU B 527 -6.57 5.19 -12.03
CA LEU B 527 -6.19 5.14 -13.44
C LEU B 527 -5.79 6.52 -13.94
N LEU B 528 -4.63 6.62 -14.59
CA LEU B 528 -4.21 7.87 -15.20
C LEU B 528 -4.23 7.81 -16.73
N VAL B 529 -4.76 8.87 -17.35
CA VAL B 529 -4.91 8.91 -18.80
C VAL B 529 -4.48 10.27 -19.38
N GLU B 530 -3.98 10.26 -20.61
CA GLU B 530 -3.67 11.51 -21.30
C GLU B 530 -4.63 11.70 -22.49
N ILE B 531 -4.91 12.95 -22.82
CA ILE B 531 -5.82 13.28 -23.92
C ILE B 531 -5.07 13.58 -25.23
N LEU B 532 -5.57 13.11 -26.36
CA LEU B 532 -4.87 13.28 -27.64
C LEU B 532 -5.82 13.66 -28.78
N LYS B 533 -5.39 14.57 -29.65
CA LYS B 533 -6.13 14.85 -30.88
C LYS B 533 -5.93 13.64 -31.78
N ASP B 534 -6.89 13.37 -32.67
CA ASP B 534 -6.83 12.16 -33.48
C ASP B 534 -5.76 12.27 -34.58
N ASP B 535 -6.02 13.11 -35.57
CA ASP B 535 -5.01 13.36 -36.61
C ASP B 535 -4.18 14.59 -36.24
N GLY B 536 -2.90 14.36 -35.94
CA GLY B 536 -2.03 15.41 -35.46
C GLY B 536 -1.89 15.36 -33.95
N ASP C 46 28.34 -20.80 45.89
CA ASP C 46 28.88 -21.85 45.04
C ASP C 46 28.40 -21.72 43.60
N VAL C 47 29.36 -21.67 42.67
CA VAL C 47 29.10 -21.56 41.23
C VAL C 47 28.51 -20.20 40.86
N VAL C 48 28.01 -19.48 41.85
CA VAL C 48 27.52 -18.13 41.66
C VAL C 48 28.72 -17.22 41.44
N ASP C 49 29.86 -17.65 41.97
CA ASP C 49 31.13 -16.98 41.71
C ASP C 49 31.29 -16.68 40.23
N ARG C 50 31.47 -17.73 39.44
CA ARG C 50 31.71 -17.61 38.01
C ARG C 50 30.53 -16.99 37.26
N ILE C 51 29.31 -17.37 37.63
CA ILE C 51 28.13 -17.00 36.85
C ILE C 51 27.89 -15.47 36.80
N TYR C 52 28.37 -14.76 37.82
CA TYR C 52 28.28 -13.31 37.87
C TYR C 52 29.41 -12.60 37.15
N LYS C 53 30.48 -13.35 36.90
CA LYS C 53 31.66 -12.79 36.27
C LYS C 53 31.28 -12.35 34.87
N GLN C 54 30.05 -12.71 34.48
CA GLN C 54 29.40 -12.15 33.30
C GLN C 54 29.19 -10.65 33.50
N VAL C 55 29.43 -10.19 34.73
CA VAL C 55 29.40 -8.76 35.01
C VAL C 55 30.44 -8.05 34.16
N ALA C 56 31.53 -8.75 33.84
CA ALA C 56 32.60 -8.22 33.01
C ALA C 56 32.44 -8.63 31.55
N LEU C 57 31.33 -9.29 31.24
CA LEU C 57 31.07 -9.76 29.88
C LEU C 57 29.77 -9.23 29.28
N GLU C 58 28.65 -9.57 29.91
CA GLU C 58 27.34 -9.25 29.35
C GLU C 58 26.99 -7.77 29.45
N SER C 59 26.84 -7.28 30.67
CA SER C 59 26.47 -5.88 30.91
C SER C 59 27.38 -4.85 30.23
N PRO C 60 28.71 -5.05 30.30
CA PRO C 60 29.59 -4.09 29.60
C PRO C 60 29.22 -3.95 28.12
N LEU C 61 28.52 -4.94 27.58
CA LEU C 61 27.91 -4.88 26.25
C LEU C 61 26.64 -4.03 26.22
N ALA C 62 25.67 -4.42 27.02
CA ALA C 62 24.40 -3.74 27.04
C ALA C 62 24.68 -2.24 27.05
N LEU C 63 25.70 -1.84 27.81
CA LEU C 63 26.20 -0.48 27.76
C LEU C 63 26.53 -0.09 26.31
N LEU C 64 27.57 -0.73 25.77
CA LEU C 64 28.02 -0.41 24.41
C LEU C 64 26.88 -0.39 23.41
N ASN C 65 25.92 -1.29 23.58
CA ASN C 65 24.78 -1.38 22.67
C ASN C 65 23.85 -0.19 22.81
N THR C 66 23.38 0.07 24.02
CA THR C 66 22.47 1.20 24.21
C THR C 66 23.23 2.50 23.96
N GLU C 67 24.55 2.46 24.11
CA GLU C 67 25.38 3.60 23.73
C GLU C 67 25.16 3.90 22.25
N SER C 68 25.53 2.93 21.42
CA SER C 68 25.47 3.11 19.97
C SER C 68 24.05 3.42 19.48
N ILE C 69 23.06 2.82 20.12
CA ILE C 69 21.67 3.12 19.78
C ILE C 69 21.41 4.63 19.85
N ILE C 70 21.79 5.24 20.97
CA ILE C 70 21.66 6.67 21.14
C ILE C 70 22.48 7.43 20.11
N MET C 71 23.78 7.14 20.06
CA MET C 71 24.68 7.82 19.13
C MET C 71 24.14 7.83 17.69
N ASN C 72 23.69 6.67 17.23
CA ASN C 72 23.08 6.57 15.91
C ASN C 72 21.84 7.43 15.81
N ALA C 73 21.07 7.49 16.90
CA ALA C 73 19.81 8.21 16.91
C ALA C 73 20.03 9.72 16.96
N ILE C 74 21.13 10.13 17.58
CA ILE C 74 21.51 11.54 17.62
C ILE C 74 22.16 11.94 16.30
N THR C 75 22.81 10.99 15.66
CA THR C 75 23.46 11.24 14.37
C THR C 75 22.44 11.45 13.28
N SER C 76 21.44 10.57 13.22
CA SER C 76 20.39 10.67 12.22
C SER C 76 19.69 11.99 12.37
N LEU C 77 19.71 12.53 13.58
CA LEU C 77 19.04 13.78 13.89
C LEU C 77 19.77 14.97 13.27
N SER C 78 21.09 14.96 13.36
CA SER C 78 21.91 16.02 12.80
C SER C 78 21.80 16.04 11.27
N TYR C 79 21.23 14.98 10.71
CA TYR C 79 20.97 14.91 9.28
C TYR C 79 19.55 15.38 8.92
N GLN C 80 18.73 15.61 9.93
CA GLN C 80 17.32 15.95 9.72
C GLN C 80 17.09 17.45 9.67
N ILE C 81 18.16 18.21 9.79
CA ILE C 81 18.10 19.66 9.71
C ILE C 81 18.16 20.11 8.25
N ASN C 82 17.14 20.85 7.82
CA ASN C 82 17.04 21.27 6.43
C ASN C 82 17.82 22.55 6.15
N ASP D 46 28.34 -15.22 51.93
CA ASP D 46 27.15 -15.77 52.57
C ASP D 46 26.04 -14.73 52.66
N VAL D 47 24.82 -15.12 52.30
CA VAL D 47 23.67 -14.21 52.23
C VAL D 47 24.03 -12.92 51.49
N VAL D 48 24.91 -13.01 50.49
CA VAL D 48 25.51 -11.84 49.84
C VAL D 48 25.31 -11.95 48.34
N ASP D 49 25.82 -13.06 47.81
CA ASP D 49 25.51 -13.50 46.46
C ASP D 49 24.02 -13.31 46.17
N ARG D 50 23.21 -13.96 47.00
CA ARG D 50 21.76 -13.91 46.87
C ARG D 50 21.20 -12.49 46.80
N ILE D 51 21.94 -11.51 47.32
CA ILE D 51 21.56 -10.11 47.13
C ILE D 51 22.29 -9.51 45.92
N TYR D 52 23.04 -10.34 45.20
CA TYR D 52 23.64 -9.89 43.94
C TYR D 52 22.80 -10.28 42.73
N LYS D 53 21.70 -10.99 42.97
CA LYS D 53 20.78 -11.36 41.90
C LYS D 53 20.34 -10.09 41.20
N GLN D 54 20.54 -8.96 41.87
CA GLN D 54 20.17 -7.65 41.35
C GLN D 54 21.03 -7.23 40.15
N VAL D 55 22.31 -7.57 40.16
CA VAL D 55 23.22 -7.20 39.07
C VAL D 55 22.74 -7.75 37.73
N ALA D 56 22.16 -8.94 37.75
CA ALA D 56 21.57 -9.51 36.54
C ALA D 56 20.06 -9.28 36.48
N LEU D 57 19.51 -8.68 37.53
CA LEU D 57 18.06 -8.48 37.60
C LEU D 57 17.69 -7.00 37.56
N GLU D 58 17.93 -6.30 38.66
CA GLU D 58 17.60 -4.89 38.75
C GLU D 58 18.47 -4.09 37.78
N SER D 59 19.77 -4.31 37.88
CA SER D 59 20.76 -3.53 37.12
C SER D 59 20.46 -3.38 35.62
N PRO D 60 20.35 -4.51 34.89
CA PRO D 60 20.12 -4.36 33.46
C PRO D 60 18.82 -3.61 33.17
N LEU D 61 17.74 -3.97 33.85
CA LEU D 61 16.45 -3.29 33.68
C LEU D 61 16.58 -1.80 33.95
N ALA D 62 17.52 -1.43 34.81
CA ALA D 62 17.75 -0.05 35.17
C ALA D 62 18.47 0.66 34.03
N LEU D 63 19.21 -0.10 33.23
CA LEU D 63 19.84 0.45 32.03
C LEU D 63 18.79 0.68 30.95
N LEU D 64 17.91 -0.30 30.77
CA LEU D 64 16.86 -0.22 29.76
C LEU D 64 15.99 1.01 29.95
N ASN D 65 15.68 1.34 31.20
CA ASN D 65 15.00 2.60 31.51
C ASN D 65 15.78 3.83 31.07
N THR D 66 16.96 4.03 31.65
CA THR D 66 17.75 5.21 31.33
C THR D 66 17.98 5.33 29.83
N GLU D 67 17.84 4.21 29.11
CA GLU D 67 17.85 4.25 27.65
C GLU D 67 16.51 4.77 27.16
N SER D 68 15.46 4.04 27.45
CA SER D 68 14.11 4.39 27.00
C SER D 68 13.77 5.86 27.24
N ILE D 69 14.11 6.39 28.40
CA ILE D 69 13.81 7.78 28.69
C ILE D 69 14.66 8.73 27.85
N ILE D 70 15.96 8.47 27.78
CA ILE D 70 16.83 9.28 26.95
C ILE D 70 16.33 9.30 25.51
N MET D 71 15.89 8.13 25.05
CA MET D 71 15.35 7.99 23.69
C MET D 71 14.06 8.78 23.52
N ASN D 72 13.18 8.72 24.53
CA ASN D 72 11.98 9.54 24.51
C ASN D 72 12.35 11.01 24.34
N ALA D 73 13.34 11.44 25.11
CA ALA D 73 13.87 12.78 24.99
C ALA D 73 14.21 13.05 23.53
N ILE D 74 15.18 12.30 23.02
CA ILE D 74 15.65 12.44 21.64
C ILE D 74 14.50 12.40 20.64
N THR D 75 13.53 11.54 20.90
CA THR D 75 12.37 11.43 20.03
C THR D 75 11.58 12.73 19.95
N SER D 76 11.13 13.22 21.09
CA SER D 76 10.41 14.48 21.14
C SER D 76 11.20 15.56 20.41
N LEU D 77 12.48 15.66 20.73
CA LEU D 77 13.36 16.65 20.13
C LEU D 77 13.30 16.61 18.60
N SER D 78 13.28 15.42 18.03
CA SER D 78 13.20 15.26 16.59
C SER D 78 11.82 15.66 16.07
N TYR D 79 10.88 15.89 16.98
CA TYR D 79 9.54 16.31 16.59
C TYR D 79 9.55 17.82 16.33
N GLN D 80 10.71 18.42 16.57
CA GLN D 80 10.92 19.85 16.36
C GLN D 80 10.96 20.26 14.88
N ILE D 81 11.00 19.29 13.96
CA ILE D 81 11.01 19.66 12.55
C ILE D 81 9.85 20.66 12.51
N ASN D 82 10.15 21.86 12.03
CA ASN D 82 9.35 23.03 12.38
C ASN D 82 7.87 22.81 12.16
#